data_8EEF
#
_entry.id   8EEF
#
_cell.length_a   64.100
_cell.length_b   98.691
_cell.length_c   143.095
_cell.angle_alpha   90.000
_cell.angle_beta   90.000
_cell.angle_gamma   90.000
#
_symmetry.space_group_name_H-M   'P 21 21 21'
#
loop_
_entity.id
_entity.type
_entity.pdbx_description
1 polymer 'Amine oxidase'
2 non-polymer 4-(2S-AMINO-1-HYDROXYETHYL)PHENOL
3 non-polymer 'FLAVIN-ADENINE DINUCLEOTIDE'
4 non-polymer 4-(2R-AMINO-1-HYDROXYETHYL)PHENOL
5 water water
#
_entity_poly.entity_id   1
_entity_poly.type   'polypeptide(L)'
_entity_poly.pdbx_seq_one_letter_code
;MSKNKVVIIGAGFAGLVAARELQTAGIEYEILEAKDRIGGRAWTEERMGRPLELGATWVHWFQAHTWTEIMRYGQRTEIT
ASPSGNDAHWVTDGKVVKGTEDDLDEKLTAAMGVTYEGSEEYFPNPHDPLWVLSDDFDGPAEVRERFLSDDQTNAIDLVK
EAGFDQETIDLVDAFWCAGYIGDPYTGSALMAKQWGALSDNRYRVMEDITLKWKLNNGMRSLYDGIAGDLNTDIRLNTPV
AKVEHHDNGATVTTESGEVIEASAVICTVPVGALSNIEFSPALPDAVQSVIDDKWNSQGAKIWIKIKGHHRFLGYAPKPA
KMSVVRSEYFMDDDTTILVGFGYDNTNIDLNSIEDAQAVINQWRDDLEVVDTTGHNWVADKWAGQAWGTLRKGQFTQGWS
LFDDIDSQLFFAGSDYAYGWRGVCVDGALEKGMTTARQVINSMRETKEQ
;
_entity_poly.pdbx_strand_id   A,B
#
loop_
_chem_comp.id
_chem_comp.type
_chem_comp.name
_chem_comp.formula
FAD non-polymer 'FLAVIN-ADENINE DINUCLEOTIDE' 'C27 H33 N9 O15 P2'
OTR non-polymer 4-(2R-AMINO-1-HYDROXYETHYL)PHENOL 'C8 H11 N O2'
OTS non-polymer 4-(2S-AMINO-1-HYDROXYETHYL)PHENOL 'C8 H11 N O2'
#
# COMPACT_ATOMS: atom_id res chain seq x y z
N LYS A 5 20.51 -13.67 20.25
CA LYS A 5 19.64 -14.18 21.30
C LYS A 5 18.27 -14.54 20.76
N VAL A 6 17.88 -13.97 19.62
CA VAL A 6 16.76 -14.49 18.84
C VAL A 6 17.31 -15.23 17.63
N VAL A 7 16.89 -16.47 17.43
CA VAL A 7 17.33 -17.27 16.29
C VAL A 7 16.24 -17.25 15.23
N ILE A 8 16.62 -16.88 14.00
CA ILE A 8 15.73 -16.84 12.84
C ILE A 8 16.13 -17.97 11.90
N ILE A 9 15.19 -18.85 11.58
CA ILE A 9 15.43 -19.96 10.66
C ILE A 9 14.99 -19.56 9.26
N GLY A 10 15.95 -19.36 8.36
CA GLY A 10 15.70 -19.09 6.95
C GLY A 10 16.01 -17.64 6.57
N ALA A 11 16.66 -17.46 5.42
CA ALA A 11 17.00 -16.15 4.90
C ALA A 11 16.19 -15.77 3.65
N GLY A 12 14.89 -16.11 3.65
CA GLY A 12 13.93 -15.51 2.74
C GLY A 12 13.47 -14.13 3.21
N PHE A 13 12.45 -13.61 2.51
CA PHE A 13 11.96 -12.27 2.82
C PHE A 13 11.47 -12.15 4.26
N ALA A 14 10.73 -13.15 4.74
CA ALA A 14 10.22 -13.10 6.11
C ALA A 14 11.36 -13.00 7.12
N GLY A 15 12.35 -13.90 7.00
CA GLY A 15 13.44 -13.90 7.95
C GLY A 15 14.26 -12.62 7.89
N LEU A 16 14.49 -12.12 6.67
CA LEU A 16 15.33 -10.94 6.50
C LEU A 16 14.67 -9.71 7.10
N VAL A 17 13.36 -9.56 6.92
CA VAL A 17 12.68 -8.36 7.40
C VAL A 17 12.52 -8.40 8.92
N ALA A 18 12.31 -9.60 9.48
CA ALA A 18 12.30 -9.79 10.93
C ALA A 18 13.63 -9.37 11.55
N ALA A 19 14.74 -9.81 10.95
CA ALA A 19 16.06 -9.42 11.44
C ALA A 19 16.23 -7.91 11.45
N ARG A 20 15.85 -7.24 10.36
CA ARG A 20 15.99 -5.79 10.33
C ARG A 20 15.11 -5.16 11.40
N GLU A 21 13.93 -5.72 11.64
CA GLU A 21 13.07 -5.17 12.68
C GLU A 21 13.69 -5.35 14.05
N LEU A 22 14.22 -6.55 14.34
CA LEU A 22 14.93 -6.77 15.61
C LEU A 22 16.07 -5.79 15.77
N GLN A 23 16.82 -5.57 14.70
CA GLN A 23 17.95 -4.65 14.75
C GLN A 23 17.52 -3.25 15.18
N THR A 24 16.45 -2.71 14.57
CA THR A 24 15.97 -1.38 14.94
C THR A 24 15.63 -1.30 16.43
N ALA A 25 15.08 -2.37 16.99
CA ALA A 25 14.74 -2.37 18.39
C ALA A 25 15.93 -2.62 19.29
N GLY A 26 17.11 -2.87 18.72
CA GLY A 26 18.29 -3.12 19.52
C GLY A 26 18.41 -4.55 20.03
N ILE A 27 17.66 -5.49 19.44
CA ILE A 27 17.62 -6.86 19.92
C ILE A 27 18.56 -7.71 19.09
N GLU A 28 19.37 -8.50 19.79
CA GLU A 28 20.41 -9.29 19.14
C GLU A 28 19.72 -10.47 18.44
N TYR A 29 20.23 -10.86 17.28
CA TYR A 29 19.58 -11.93 16.51
C TYR A 29 20.63 -12.76 15.79
N GLU A 30 20.20 -13.88 15.22
CA GLU A 30 21.07 -14.62 14.31
C GLU A 30 20.24 -15.43 13.31
N ILE A 31 20.61 -15.33 12.04
CA ILE A 31 19.89 -15.98 10.96
C ILE A 31 20.64 -17.22 10.51
N LEU A 32 19.94 -18.35 10.47
CA LEU A 32 20.47 -19.61 9.94
C LEU A 32 19.74 -20.00 8.66
N GLU A 33 20.49 -20.13 7.56
CA GLU A 33 19.93 -20.42 6.25
C GLU A 33 20.51 -21.74 5.73
N ALA A 34 19.62 -22.65 5.32
CA ALA A 34 20.06 -23.96 4.84
C ALA A 34 20.89 -23.88 3.57
N LYS A 35 20.44 -23.09 2.60
CA LYS A 35 21.06 -23.11 1.27
C LYS A 35 22.32 -22.25 1.22
N ASP A 36 22.94 -22.27 0.05
CA ASP A 36 24.11 -21.47 -0.24
C ASP A 36 23.78 -20.03 -0.66
N ARG A 37 22.53 -19.59 -0.56
CA ARG A 37 22.11 -18.30 -1.10
C ARG A 37 20.92 -17.77 -0.30
N ILE A 38 20.72 -16.46 -0.32
CA ILE A 38 19.57 -15.85 0.33
C ILE A 38 18.46 -15.60 -0.69
N GLY A 39 17.24 -15.35 -0.17
CA GLY A 39 16.09 -14.98 -0.98
C GLY A 39 14.98 -16.02 -0.95
N GLY A 40 15.31 -17.28 -0.69
CA GLY A 40 14.28 -18.31 -0.58
C GLY A 40 13.54 -18.50 -1.90
N ARG A 41 12.22 -18.62 -1.79
CA ARG A 41 11.36 -18.82 -2.95
C ARG A 41 11.21 -17.55 -3.86
N ALA A 42 11.95 -16.49 -3.55
CA ALA A 42 12.26 -15.41 -4.48
C ALA A 42 13.70 -15.59 -4.96
N TRP A 43 13.92 -15.63 -6.27
CA TRP A 43 15.24 -16.05 -6.75
C TRP A 43 15.49 -15.50 -8.16
N THR A 44 16.29 -14.43 -8.24
CA THR A 44 16.66 -13.80 -9.50
C THR A 44 17.99 -14.36 -9.99
N GLU A 45 17.99 -14.98 -11.19
CA GLU A 45 19.19 -15.59 -11.74
C GLU A 45 19.22 -15.43 -13.25
N GLU A 46 20.41 -15.21 -13.81
CA GLU A 46 20.59 -15.13 -15.26
C GLU A 46 20.45 -16.51 -15.91
N ARG A 47 19.47 -16.65 -16.81
CA ARG A 47 19.22 -17.88 -17.56
C ARG A 47 18.65 -17.55 -18.93
N MET A 48 19.04 -18.33 -19.94
CA MET A 48 18.57 -18.13 -21.32
C MET A 48 18.86 -16.72 -21.82
N GLY A 49 19.97 -16.13 -21.33
CA GLY A 49 20.45 -14.83 -21.77
C GLY A 49 19.92 -13.59 -21.09
N ARG A 50 19.42 -13.70 -19.85
CA ARG A 50 18.77 -12.56 -19.21
C ARG A 50 18.37 -12.88 -17.76
N PRO A 51 18.24 -11.88 -16.89
CA PRO A 51 17.74 -12.13 -15.52
C PRO A 51 16.29 -12.61 -15.54
N LEU A 52 16.05 -13.78 -14.95
CA LEU A 52 14.73 -14.39 -14.89
C LEU A 52 14.35 -14.65 -13.42
N GLU A 53 13.06 -14.48 -13.11
CA GLU A 53 12.59 -14.76 -11.76
C GLU A 53 12.14 -16.21 -11.70
N LEU A 54 12.98 -17.09 -11.14
CA LEU A 54 12.58 -18.49 -10.99
C LEU A 54 11.49 -18.67 -9.96
N GLY A 55 11.34 -17.72 -9.04
CA GLY A 55 10.25 -17.68 -8.10
C GLY A 55 9.41 -16.43 -8.29
N ALA A 56 9.42 -15.55 -7.29
CA ALA A 56 8.53 -14.38 -7.29
C ALA A 56 8.87 -13.37 -8.39
N THR A 57 7.83 -12.78 -9.02
CA THR A 57 8.02 -11.85 -10.13
C THR A 57 7.27 -10.52 -10.01
N TRP A 58 6.00 -10.52 -9.61
CA TRP A 58 5.17 -9.34 -9.80
C TRP A 58 4.88 -8.58 -8.49
N VAL A 59 4.72 -7.26 -8.63
CA VAL A 59 4.58 -6.33 -7.50
C VAL A 59 3.52 -5.29 -7.82
N HIS A 60 3.11 -4.52 -6.81
CA HIS A 60 2.12 -3.46 -7.01
C HIS A 60 2.10 -2.51 -5.81
N TRP A 61 1.80 -1.23 -6.09
CA TRP A 61 1.76 -0.22 -5.03
C TRP A 61 0.56 -0.37 -4.11
N PHE A 62 -0.44 -1.21 -4.45
CA PHE A 62 -1.52 -1.54 -3.51
C PHE A 62 -1.12 -2.63 -2.52
N GLN A 63 0.15 -3.05 -2.55
CA GLN A 63 0.72 -4.00 -1.59
C GLN A 63 1.62 -3.22 -0.65
N ALA A 64 1.11 -2.90 0.54
CA ALA A 64 1.76 -1.93 1.39
C ALA A 64 3.21 -2.33 1.71
N HIS A 65 3.43 -3.57 2.15
CA HIS A 65 4.77 -3.94 2.63
C HIS A 65 5.76 -4.10 1.49
N THR A 66 5.37 -4.73 0.39
CA THR A 66 6.24 -4.79 -0.78
C THR A 66 6.56 -3.39 -1.30
N TRP A 67 5.54 -2.52 -1.37
CA TRP A 67 5.78 -1.21 -1.98
C TRP A 67 6.74 -0.37 -1.13
N THR A 68 6.61 -0.42 0.20
CA THR A 68 7.54 0.38 1.00
C THR A 68 8.99 -0.10 0.82
N GLU A 69 9.20 -1.42 0.65
CA GLU A 69 10.54 -1.92 0.33
C GLU A 69 10.99 -1.44 -1.04
N ILE A 70 10.08 -1.43 -2.02
CA ILE A 70 10.45 -0.93 -3.33
C ILE A 70 10.96 0.51 -3.23
N MET A 71 10.27 1.37 -2.45
CA MET A 71 10.69 2.75 -2.24
C MET A 71 11.99 2.85 -1.46
N ARG A 72 12.12 2.07 -0.37
CA ARG A 72 13.31 2.15 0.48
C ARG A 72 14.59 1.94 -0.31
N TYR A 73 14.61 0.95 -1.22
CA TYR A 73 15.82 0.53 -1.92
C TYR A 73 15.89 1.04 -3.35
N GLY A 74 15.22 2.16 -3.66
CA GLY A 74 15.49 2.86 -4.90
C GLY A 74 14.82 2.35 -6.16
N GLN A 75 13.80 1.50 -6.04
CA GLN A 75 13.19 0.86 -7.19
C GLN A 75 11.88 1.54 -7.63
N ARG A 76 11.58 2.74 -7.12
CA ARG A 76 10.32 3.44 -7.39
C ARG A 76 9.96 3.47 -8.87
N THR A 77 10.91 3.83 -9.73
CA THR A 77 10.64 3.87 -11.16
C THR A 77 11.14 2.63 -11.90
N GLU A 78 11.65 1.62 -11.20
CA GLU A 78 12.26 0.48 -11.88
C GLU A 78 11.30 -0.69 -11.96
N ILE A 79 10.11 -0.45 -12.50
CA ILE A 79 9.12 -1.49 -12.75
C ILE A 79 8.62 -1.34 -14.17
N THR A 80 8.34 -2.48 -14.84
CA THR A 80 7.83 -2.53 -16.21
C THR A 80 6.67 -3.53 -16.27
N ALA A 81 5.65 -3.17 -17.06
CA ALA A 81 4.48 -4.02 -17.20
C ALA A 81 4.71 -5.16 -18.19
N SER A 82 4.19 -6.33 -17.85
CA SER A 82 4.21 -7.45 -18.79
C SER A 82 3.46 -7.07 -20.06
N PRO A 83 3.85 -7.61 -21.21
CA PRO A 83 3.18 -7.24 -22.45
C PRO A 83 1.71 -7.65 -22.42
N SER A 84 0.90 -6.84 -23.10
CA SER A 84 -0.53 -7.00 -23.19
C SER A 84 -0.94 -7.00 -24.65
N GLY A 85 -2.21 -7.33 -24.89
CA GLY A 85 -2.66 -7.37 -26.27
C GLY A 85 -2.14 -8.58 -27.00
N ASN A 86 -2.06 -9.72 -26.32
CA ASN A 86 -1.58 -10.95 -26.92
C ASN A 86 -2.68 -11.67 -27.70
N ASP A 87 -2.29 -12.45 -28.70
CA ASP A 87 -3.24 -13.36 -29.34
C ASP A 87 -3.56 -14.46 -28.35
N ALA A 88 -4.83 -14.66 -28.04
CA ALA A 88 -5.17 -15.62 -27.00
C ALA A 88 -5.71 -16.92 -27.61
N HIS A 89 -5.36 -18.03 -26.97
CA HIS A 89 -5.85 -19.36 -27.32
C HIS A 89 -6.35 -20.05 -26.07
N TRP A 90 -7.51 -20.69 -26.13
CA TRP A 90 -7.92 -21.44 -24.96
C TRP A 90 -8.56 -22.76 -25.36
N VAL A 91 -8.31 -23.79 -24.52
CA VAL A 91 -8.85 -25.14 -24.74
C VAL A 91 -10.14 -25.29 -23.97
N THR A 92 -11.20 -25.75 -24.65
CA THR A 92 -12.42 -25.92 -23.88
C THR A 92 -13.03 -27.31 -24.04
N ASP A 93 -13.60 -27.66 -25.19
CA ASP A 93 -14.21 -28.99 -25.30
C ASP A 93 -13.28 -29.92 -26.06
N GLY A 94 -12.05 -30.04 -25.55
CA GLY A 94 -11.01 -30.72 -26.30
C GLY A 94 -10.49 -29.96 -27.50
N LYS A 95 -11.03 -28.79 -27.79
CA LYS A 95 -10.65 -27.99 -28.95
C LYS A 95 -10.06 -26.65 -28.55
N VAL A 96 -9.34 -26.05 -29.50
CA VAL A 96 -8.63 -24.79 -29.34
C VAL A 96 -9.49 -23.67 -29.94
N VAL A 97 -9.75 -22.62 -29.16
CA VAL A 97 -10.45 -21.44 -29.64
C VAL A 97 -9.48 -20.26 -29.66
N LYS A 98 -9.48 -19.50 -30.76
CA LYS A 98 -8.66 -18.32 -30.90
C LYS A 98 -9.50 -17.06 -30.74
N GLY A 99 -9.06 -16.17 -29.86
CA GLY A 99 -9.70 -14.88 -29.64
C GLY A 99 -8.65 -13.88 -29.20
N THR A 100 -9.12 -12.68 -28.88
CA THR A 100 -8.27 -11.62 -28.35
C THR A 100 -8.20 -11.70 -26.82
N GLU A 101 -7.15 -11.10 -26.26
CA GLU A 101 -6.99 -11.09 -24.81
C GLU A 101 -8.18 -10.43 -24.10
N ASP A 102 -8.86 -9.48 -24.75
CA ASP A 102 -10.00 -8.86 -24.09
C ASP A 102 -11.24 -9.73 -24.13
N ASP A 103 -11.34 -10.62 -25.12
CA ASP A 103 -12.43 -11.60 -25.09
C ASP A 103 -12.29 -12.49 -23.89
N LEU A 104 -11.08 -12.98 -23.64
CA LEU A 104 -10.82 -13.83 -22.49
C LEU A 104 -11.05 -13.06 -21.20
N ASP A 105 -10.53 -11.83 -21.13
CA ASP A 105 -10.63 -11.05 -19.91
C ASP A 105 -12.07 -10.71 -19.60
N GLU A 106 -12.89 -10.46 -20.62
CA GLU A 106 -14.29 -10.16 -20.33
C GLU A 106 -15.03 -11.40 -19.84
N LYS A 107 -14.68 -12.60 -20.34
CA LYS A 107 -15.30 -13.80 -19.81
C LYS A 107 -14.87 -14.06 -18.38
N LEU A 108 -13.58 -13.87 -18.09
CA LEU A 108 -13.08 -14.05 -16.73
C LEU A 108 -13.68 -13.02 -15.78
N THR A 109 -13.85 -11.77 -16.24
CA THR A 109 -14.41 -10.72 -15.39
C THR A 109 -15.79 -11.10 -14.86
N ALA A 110 -16.68 -11.53 -15.75
CA ALA A 110 -18.03 -11.92 -15.31
C ALA A 110 -17.99 -13.09 -14.33
N ALA A 111 -17.14 -14.09 -14.59
CA ALA A 111 -17.05 -15.22 -13.68
C ALA A 111 -16.48 -14.80 -12.32
N MET A 112 -15.52 -13.86 -12.32
CA MET A 112 -14.95 -13.38 -11.08
C MET A 112 -15.97 -12.58 -10.27
N GLY A 113 -16.82 -11.81 -10.95
CA GLY A 113 -17.89 -11.12 -10.26
C GLY A 113 -18.70 -12.06 -9.39
N VAL A 114 -19.06 -13.22 -9.95
CA VAL A 114 -19.84 -14.17 -9.17
C VAL A 114 -18.97 -14.84 -8.12
N THR A 115 -17.70 -15.11 -8.45
CA THR A 115 -16.76 -15.71 -7.51
C THR A 115 -16.60 -14.86 -6.23
N TYR A 116 -16.56 -13.53 -6.34
CA TYR A 116 -16.32 -12.69 -5.17
C TYR A 116 -17.54 -12.46 -4.27
N GLU A 117 -18.69 -13.07 -4.55
CA GLU A 117 -20.00 -12.56 -4.10
C GLU A 117 -20.19 -12.30 -2.61
N GLY A 118 -19.48 -12.96 -1.71
CA GLY A 118 -19.75 -12.65 -0.30
C GLY A 118 -18.74 -11.76 0.40
N SER A 119 -17.70 -11.35 -0.33
CA SER A 119 -16.55 -10.72 0.30
C SER A 119 -16.90 -9.43 1.03
N GLU A 120 -17.93 -8.73 0.61
CA GLU A 120 -18.22 -7.49 1.31
C GLU A 120 -18.84 -7.76 2.67
N GLU A 121 -19.56 -8.88 2.82
CA GLU A 121 -20.06 -9.25 4.14
C GLU A 121 -18.98 -9.94 4.98
N TYR A 122 -18.11 -10.73 4.36
CA TYR A 122 -17.06 -11.42 5.09
C TYR A 122 -15.90 -10.50 5.47
N PHE A 123 -15.53 -9.56 4.59
CA PHE A 123 -14.26 -8.84 4.70
C PHE A 123 -14.43 -7.31 4.58
N PRO A 124 -15.26 -6.68 5.43
CA PRO A 124 -15.29 -5.20 5.39
C PRO A 124 -13.90 -4.59 5.61
N ASN A 125 -13.11 -5.20 6.49
CA ASN A 125 -11.68 -4.96 6.57
C ASN A 125 -10.98 -6.18 5.98
N PRO A 126 -10.45 -6.11 4.74
CA PRO A 126 -9.87 -7.31 4.12
C PRO A 126 -8.59 -7.77 4.79
N HIS A 127 -8.06 -7.02 5.74
CA HIS A 127 -6.95 -7.50 6.54
C HIS A 127 -7.39 -8.07 7.87
N ASP A 128 -8.70 -8.31 8.04
CA ASP A 128 -9.22 -9.06 9.19
C ASP A 128 -9.95 -10.28 8.66
N PRO A 129 -9.24 -11.24 8.08
CA PRO A 129 -9.90 -12.32 7.34
C PRO A 129 -10.83 -13.20 8.16
N LEU A 130 -10.67 -13.26 9.49
CA LEU A 130 -11.51 -14.16 10.29
C LEU A 130 -12.50 -13.41 11.18
N TRP A 131 -12.83 -12.15 10.83
CA TRP A 131 -13.81 -11.36 11.59
C TRP A 131 -15.14 -12.11 11.78
N VAL A 132 -15.59 -12.83 10.75
CA VAL A 132 -16.90 -13.50 10.78
C VAL A 132 -16.99 -14.49 11.94
N LEU A 133 -15.87 -15.05 12.38
CA LEU A 133 -15.83 -16.09 13.39
C LEU A 133 -15.49 -15.57 14.77
N SER A 134 -15.27 -14.26 14.91
CA SER A 134 -14.82 -13.66 16.14
C SER A 134 -16.00 -13.28 17.03
N ASP A 135 -15.68 -13.01 18.29
CA ASP A 135 -16.71 -12.64 19.24
C ASP A 135 -17.36 -11.31 18.89
N ASP A 136 -16.68 -10.46 18.12
CA ASP A 136 -17.23 -9.16 17.76
C ASP A 136 -17.88 -9.16 16.39
N PHE A 137 -18.10 -10.32 15.78
CA PHE A 137 -18.90 -10.38 14.57
C PHE A 137 -20.33 -9.96 14.91
N ASP A 138 -20.82 -8.89 14.31
CA ASP A 138 -22.12 -8.35 14.67
C ASP A 138 -23.18 -8.67 13.64
N GLY A 139 -22.85 -9.49 12.64
CA GLY A 139 -23.75 -9.77 11.55
C GLY A 139 -24.64 -10.98 11.78
N PRO A 140 -25.43 -11.31 10.76
CA PRO A 140 -26.44 -12.36 10.91
C PRO A 140 -25.83 -13.75 10.88
N ALA A 141 -26.59 -14.68 11.47
CA ALA A 141 -26.10 -16.04 11.59
C ALA A 141 -25.90 -16.67 10.22
N GLU A 142 -26.74 -16.32 9.24
CA GLU A 142 -26.60 -16.94 7.92
C GLU A 142 -25.27 -16.58 7.28
N VAL A 143 -24.71 -15.42 7.61
CA VAL A 143 -23.43 -15.05 7.06
C VAL A 143 -22.35 -16.01 7.55
N ARG A 144 -22.34 -16.33 8.84
CA ARG A 144 -21.37 -17.27 9.37
C ARG A 144 -21.55 -18.67 8.75
N GLU A 145 -22.79 -19.09 8.50
CA GLU A 145 -23.00 -20.40 7.92
C GLU A 145 -22.51 -20.46 6.48
N ARG A 146 -22.77 -19.42 5.67
CA ARG A 146 -22.27 -19.41 4.30
C ARG A 146 -20.75 -19.32 4.29
N PHE A 147 -20.18 -18.62 5.26
CA PHE A 147 -18.72 -18.50 5.35
C PHE A 147 -18.08 -19.88 5.51
N LEU A 148 -18.53 -20.64 6.52
CA LEU A 148 -17.99 -21.98 6.74
C LEU A 148 -18.30 -22.92 5.58
N SER A 149 -19.45 -22.76 4.95
CA SER A 149 -19.77 -23.62 3.82
C SER A 149 -18.87 -23.30 2.63
N ASP A 150 -18.48 -22.04 2.46
CA ASP A 150 -17.58 -21.67 1.36
C ASP A 150 -16.17 -22.22 1.54
N ASP A 151 -15.70 -22.41 2.78
CA ASP A 151 -14.38 -23.02 2.99
C ASP A 151 -14.34 -24.46 2.50
N GLN A 152 -15.49 -25.12 2.37
CA GLN A 152 -15.58 -26.49 1.90
C GLN A 152 -15.95 -26.58 0.43
N THR A 153 -16.01 -25.46 -0.26
CA THR A 153 -16.33 -25.41 -1.68
C THR A 153 -15.12 -24.94 -2.46
N ASN A 154 -14.94 -25.48 -3.67
CA ASN A 154 -13.87 -25.00 -4.53
C ASN A 154 -14.39 -23.91 -5.46
N ALA A 155 -13.46 -23.10 -5.99
CA ALA A 155 -13.85 -21.90 -6.74
C ALA A 155 -14.52 -22.24 -8.07
N ILE A 156 -14.25 -23.40 -8.63
CA ILE A 156 -14.87 -23.75 -9.90
C ILE A 156 -16.34 -24.07 -9.69
N ASP A 157 -16.68 -24.71 -8.57
CA ASP A 157 -18.07 -25.09 -8.32
C ASP A 157 -18.98 -23.87 -8.15
N LEU A 158 -18.44 -22.75 -7.64
CA LEU A 158 -19.24 -21.52 -7.59
C LEU A 158 -19.69 -21.06 -8.97
N VAL A 159 -18.83 -21.22 -9.98
CA VAL A 159 -19.17 -20.77 -11.32
C VAL A 159 -20.12 -21.75 -12.00
N LYS A 160 -19.96 -23.07 -11.76
CA LYS A 160 -20.91 -24.05 -12.29
C LYS A 160 -22.32 -23.81 -11.77
N GLU A 161 -22.44 -23.63 -10.45
CA GLU A 161 -23.75 -23.43 -9.83
C GLU A 161 -24.45 -22.22 -10.38
N ALA A 162 -23.72 -21.24 -10.91
CA ALA A 162 -24.33 -20.04 -11.44
C ALA A 162 -24.73 -20.18 -12.91
N GLY A 163 -24.40 -21.30 -13.56
CA GLY A 163 -24.90 -21.57 -14.88
C GLY A 163 -24.08 -21.04 -16.03
N PHE A 164 -22.80 -20.76 -15.83
CA PHE A 164 -21.95 -20.40 -16.95
C PHE A 164 -21.78 -21.60 -17.89
N ASP A 165 -21.54 -21.30 -19.17
CA ASP A 165 -21.41 -22.36 -20.14
C ASP A 165 -20.08 -23.08 -19.96
N GLN A 166 -19.87 -24.14 -20.74
CA GLN A 166 -18.69 -24.97 -20.56
C GLN A 166 -17.43 -24.19 -20.85
N GLU A 167 -17.49 -23.29 -21.83
CA GLU A 167 -16.32 -22.51 -22.21
C GLU A 167 -15.81 -21.69 -21.03
N THR A 168 -16.70 -20.99 -20.32
CA THR A 168 -16.23 -20.23 -19.16
C THR A 168 -15.74 -21.14 -18.04
N ILE A 169 -16.33 -22.34 -17.87
CA ILE A 169 -15.84 -23.26 -16.85
C ILE A 169 -14.39 -23.66 -17.13
N ASP A 170 -14.08 -23.96 -18.39
CA ASP A 170 -12.71 -24.35 -18.71
C ASP A 170 -11.75 -23.18 -18.54
N LEU A 171 -12.21 -21.95 -18.76
CA LEU A 171 -11.35 -20.79 -18.56
C LEU A 171 -11.01 -20.60 -17.08
N VAL A 172 -12.02 -20.69 -16.21
CA VAL A 172 -11.75 -20.52 -14.78
C VAL A 172 -11.01 -21.75 -14.24
N ASP A 173 -11.26 -22.93 -14.84
CA ASP A 173 -10.43 -24.10 -14.56
C ASP A 173 -8.96 -23.77 -14.78
N ALA A 174 -8.62 -23.35 -16.01
CA ALA A 174 -7.26 -22.95 -16.33
C ALA A 174 -6.76 -21.88 -15.38
N PHE A 175 -7.56 -20.83 -15.20
CA PHE A 175 -7.15 -19.73 -14.34
C PHE A 175 -6.74 -20.22 -12.95
N TRP A 176 -7.57 -21.06 -12.33
CA TRP A 176 -7.31 -21.47 -10.94
C TRP A 176 -6.30 -22.60 -10.83
N CYS A 177 -5.99 -23.29 -11.92
CA CYS A 177 -4.88 -24.23 -11.88
C CYS A 177 -3.59 -23.46 -11.66
N ALA A 178 -3.47 -22.29 -12.28
CA ALA A 178 -2.39 -21.37 -11.99
C ALA A 178 -2.55 -20.71 -10.62
N GLY A 179 -3.77 -20.19 -10.35
CA GLY A 179 -3.99 -19.42 -9.13
C GLY A 179 -3.71 -20.18 -7.85
N TYR A 180 -4.20 -21.40 -7.76
CA TYR A 180 -3.97 -22.26 -6.61
C TYR A 180 -2.66 -22.99 -6.73
N ILE A 181 -2.03 -22.88 -7.89
CA ILE A 181 -0.79 -23.54 -8.24
C ILE A 181 -0.79 -25.03 -7.83
N GLY A 182 -1.84 -25.71 -8.27
CA GLY A 182 -2.13 -27.07 -7.97
C GLY A 182 -3.53 -27.42 -8.38
N ASP A 183 -4.07 -28.46 -7.81
CA ASP A 183 -5.40 -28.92 -8.22
C ASP A 183 -6.45 -27.96 -7.66
N PRO A 184 -7.15 -27.19 -8.49
CA PRO A 184 -8.12 -26.22 -7.94
C PRO A 184 -9.33 -26.90 -7.35
N TYR A 185 -9.66 -28.12 -7.78
CA TYR A 185 -10.86 -28.77 -7.29
C TYR A 185 -10.74 -29.20 -5.83
N THR A 186 -9.52 -29.29 -5.27
CA THR A 186 -9.41 -29.51 -3.84
C THR A 186 -9.21 -28.22 -3.03
N GLY A 187 -9.25 -27.05 -3.66
CA GLY A 187 -8.99 -25.82 -2.95
C GLY A 187 -10.23 -25.20 -2.31
N SER A 188 -10.00 -24.30 -1.36
CA SER A 188 -11.05 -23.53 -0.69
C SER A 188 -11.37 -22.25 -1.46
N ALA A 189 -12.66 -22.06 -1.78
CA ALA A 189 -13.10 -20.87 -2.51
C ALA A 189 -12.90 -19.58 -1.70
N LEU A 190 -12.82 -19.69 -0.38
CA LEU A 190 -12.57 -18.51 0.44
C LEU A 190 -11.25 -17.84 0.06
N MET A 191 -10.27 -18.59 -0.46
CA MET A 191 -9.02 -17.93 -0.86
C MET A 191 -9.29 -16.91 -1.96
N ALA A 192 -10.03 -17.33 -3.00
CA ALA A 192 -10.39 -16.42 -4.09
C ALA A 192 -11.17 -15.21 -3.58
N LYS A 193 -12.08 -15.41 -2.64
CA LYS A 193 -12.91 -14.31 -2.15
C LYS A 193 -12.07 -13.26 -1.43
N GLN A 194 -11.03 -13.66 -0.68
CA GLN A 194 -10.21 -12.64 -0.03
C GLN A 194 -9.34 -11.89 -1.04
N TRP A 195 -8.89 -12.57 -2.10
CA TRP A 195 -8.17 -11.88 -3.16
C TRP A 195 -9.04 -10.76 -3.75
N GLY A 196 -10.33 -11.02 -3.92
CA GLY A 196 -11.22 -9.96 -4.41
C GLY A 196 -11.30 -8.80 -3.45
N ALA A 197 -11.52 -9.09 -2.16
CA ALA A 197 -11.63 -8.06 -1.14
C ALA A 197 -10.41 -7.16 -1.11
N LEU A 198 -9.23 -7.74 -1.32
CA LEU A 198 -7.97 -7.03 -1.35
C LEU A 198 -7.74 -6.27 -2.64
N SER A 199 -8.55 -6.55 -3.67
CA SER A 199 -8.44 -5.92 -4.99
C SER A 199 -9.72 -5.17 -5.36
N ASP A 200 -10.36 -4.56 -4.37
CA ASP A 200 -11.59 -3.77 -4.55
C ASP A 200 -12.66 -4.55 -5.30
N ASN A 201 -12.59 -5.88 -5.27
CA ASN A 201 -13.61 -6.74 -5.83
C ASN A 201 -13.76 -6.57 -7.34
N ARG A 202 -12.67 -6.29 -8.02
CA ARG A 202 -12.67 -6.18 -9.47
C ARG A 202 -11.58 -7.05 -10.06
N TYR A 203 -11.92 -7.81 -11.09
CA TYR A 203 -10.95 -8.74 -11.68
C TYR A 203 -9.73 -7.98 -12.20
N ARG A 204 -9.94 -6.86 -12.88
CA ARG A 204 -8.79 -6.20 -13.47
C ARG A 204 -7.86 -5.62 -12.39
N VAL A 205 -8.41 -5.21 -11.25
CA VAL A 205 -7.53 -4.77 -10.17
C VAL A 205 -6.74 -5.94 -9.62
N MET A 206 -7.40 -7.09 -9.43
CA MET A 206 -6.69 -8.28 -8.97
C MET A 206 -5.54 -8.64 -9.91
N GLU A 207 -5.76 -8.49 -11.22
CA GLU A 207 -4.73 -8.84 -12.20
C GLU A 207 -3.60 -7.81 -12.22
N ASP A 208 -3.92 -6.53 -12.10
CA ASP A 208 -2.88 -5.51 -12.02
C ASP A 208 -1.97 -5.74 -10.82
N ILE A 209 -2.54 -6.23 -9.72
CA ILE A 209 -1.80 -6.37 -8.47
C ILE A 209 -0.86 -7.57 -8.54
N THR A 210 -1.32 -8.68 -9.14
CA THR A 210 -0.60 -9.94 -9.06
C THR A 210 0.08 -10.36 -10.36
N LEU A 211 -0.21 -9.72 -11.49
CA LEU A 211 0.27 -10.28 -12.74
C LEU A 211 0.67 -9.22 -13.76
N LYS A 212 1.09 -8.02 -13.32
CA LYS A 212 1.38 -6.95 -14.26
C LYS A 212 2.80 -6.41 -14.12
N TRP A 213 3.15 -5.84 -12.97
CA TRP A 213 4.37 -5.04 -12.83
C TRP A 213 5.54 -5.89 -12.35
N LYS A 214 6.60 -5.93 -13.16
CA LYS A 214 7.82 -6.67 -12.85
C LYS A 214 8.94 -5.72 -12.44
N LEU A 215 9.81 -6.18 -11.55
CA LEU A 215 10.96 -5.41 -11.11
C LEU A 215 12.09 -5.50 -12.14
N ASN A 216 12.45 -4.35 -12.74
CA ASN A 216 13.54 -4.35 -13.72
C ASN A 216 14.81 -4.99 -13.16
N ASN A 217 15.11 -4.72 -11.89
CA ASN A 217 16.32 -5.22 -11.27
C ASN A 217 16.09 -6.48 -10.45
N GLY A 218 14.90 -7.05 -10.54
CA GLY A 218 14.61 -8.35 -9.96
C GLY A 218 14.31 -8.31 -8.48
N MET A 219 13.75 -9.41 -7.98
CA MET A 219 13.52 -9.53 -6.55
C MET A 219 14.81 -9.38 -5.75
N ARG A 220 15.95 -9.74 -6.35
CA ARG A 220 17.20 -9.69 -5.59
C ARG A 220 17.56 -8.27 -5.19
N SER A 221 17.15 -7.25 -5.95
CA SER A 221 17.41 -5.88 -5.50
C SER A 221 16.74 -5.60 -4.18
N LEU A 222 15.61 -6.25 -3.90
CA LEU A 222 14.97 -6.05 -2.61
C LEU A 222 15.62 -6.91 -1.53
N TYR A 223 15.81 -8.20 -1.78
CA TYR A 223 16.33 -9.02 -0.68
C TYR A 223 17.82 -8.82 -0.43
N ASP A 224 18.61 -8.48 -1.46
CA ASP A 224 19.98 -8.03 -1.19
C ASP A 224 19.98 -6.68 -0.49
N GLY A 225 18.96 -5.86 -0.75
CA GLY A 225 18.85 -4.61 -0.02
C GLY A 225 18.67 -4.82 1.48
N ILE A 226 17.76 -5.71 1.85
CA ILE A 226 17.53 -5.95 3.27
C ILE A 226 18.76 -6.56 3.93
N ALA A 227 19.29 -7.62 3.34
CA ALA A 227 20.48 -8.24 3.88
C ALA A 227 21.60 -7.21 4.01
N GLY A 228 21.67 -6.26 3.08
CA GLY A 228 22.72 -5.26 3.13
C GLY A 228 22.61 -4.30 4.30
N ASP A 229 21.42 -4.19 4.90
CA ASP A 229 21.24 -3.37 6.08
C ASP A 229 21.63 -4.10 7.36
N LEU A 230 21.76 -5.42 7.31
CA LEU A 230 21.97 -6.23 8.50
C LEU A 230 23.40 -6.08 9.02
N ASN A 231 23.53 -5.92 10.34
CA ASN A 231 24.82 -5.80 10.97
C ASN A 231 25.38 -7.12 11.48
N THR A 232 24.63 -8.22 11.35
CA THR A 232 25.09 -9.55 11.73
C THR A 232 25.15 -10.41 10.49
N ASP A 233 26.14 -11.30 10.44
CA ASP A 233 26.33 -12.15 9.25
C ASP A 233 25.30 -13.26 9.23
N ILE A 234 24.86 -13.61 8.03
CA ILE A 234 23.96 -14.74 7.85
C ILE A 234 24.78 -16.01 7.78
N ARG A 235 24.38 -17.02 8.55
CA ARG A 235 25.03 -18.33 8.51
C ARG A 235 24.40 -19.14 7.38
N LEU A 236 25.01 -19.06 6.20
CA LEU A 236 24.64 -19.90 5.08
C LEU A 236 25.07 -21.35 5.30
N ASN A 237 24.51 -22.24 4.49
CA ASN A 237 24.84 -23.67 4.52
C ASN A 237 24.73 -24.26 5.91
N THR A 238 23.71 -23.84 6.65
CA THR A 238 23.50 -24.24 8.04
C THR A 238 22.05 -24.67 8.22
N PRO A 239 21.66 -25.83 7.68
CA PRO A 239 20.28 -26.32 7.91
C PRO A 239 20.04 -26.58 9.39
N VAL A 240 18.79 -26.32 9.86
CA VAL A 240 18.33 -26.68 11.21
C VAL A 240 17.66 -28.05 11.18
N ALA A 241 17.81 -28.87 12.24
CA ALA A 241 17.12 -30.16 12.31
C ALA A 241 16.25 -30.35 13.55
N LYS A 242 16.50 -29.62 14.62
CA LYS A 242 15.69 -29.78 15.82
C LYS A 242 15.47 -28.42 16.45
N VAL A 243 14.32 -28.26 17.10
CA VAL A 243 13.93 -27.02 17.77
C VAL A 243 13.20 -27.41 19.04
N GLU A 244 13.69 -26.93 20.18
CA GLU A 244 13.04 -27.20 21.46
C GLU A 244 12.60 -25.89 22.12
N HIS A 245 11.49 -25.96 22.83
CA HIS A 245 10.79 -24.76 23.30
C HIS A 245 9.86 -25.18 24.41
N VAL A 252 16.58 -23.90 23.07
CA VAL A 252 16.48 -23.89 21.63
C VAL A 252 17.51 -24.81 21.02
N THR A 253 17.09 -25.51 19.97
CA THR A 253 17.94 -26.51 19.33
C THR A 253 18.27 -26.13 17.87
N THR A 254 18.61 -27.15 17.04
CA THR A 254 19.85 -27.16 16.25
C THR A 254 19.83 -28.12 15.06
N GLU A 255 21.01 -28.25 14.41
CA GLU A 255 21.39 -29.36 13.49
C GLU A 255 22.77 -29.97 13.74
N SER A 256 23.31 -30.64 12.69
CA SER A 256 24.59 -31.35 12.58
C SER A 256 25.48 -31.28 13.81
N GLY A 257 24.87 -31.41 14.99
CA GLY A 257 25.51 -31.40 16.28
C GLY A 257 25.57 -30.06 17.00
N GLU A 258 25.84 -28.98 16.26
CA GLU A 258 25.90 -27.66 16.87
C GLU A 258 24.57 -27.30 17.53
N VAL A 259 24.65 -26.78 18.75
CA VAL A 259 23.44 -26.40 19.49
C VAL A 259 23.42 -24.91 19.82
N ILE A 260 22.23 -24.31 19.66
CA ILE A 260 22.06 -22.89 19.94
C ILE A 260 21.13 -22.69 21.14
N GLU A 261 21.41 -21.67 21.93
CA GLU A 261 20.60 -21.37 23.11
C GLU A 261 19.63 -20.23 22.86
N ALA A 262 19.86 -18.93 22.57
CA ALA A 262 18.66 -17.93 22.29
C ALA A 262 17.27 -17.63 23.13
N SER A 263 16.87 -16.37 23.14
CA SER A 263 15.65 -16.03 23.88
C SER A 263 14.40 -16.58 23.18
N ALA A 264 14.44 -16.64 21.86
CA ALA A 264 13.28 -17.08 21.09
C ALA A 264 13.63 -17.52 19.68
N VAL A 265 12.70 -18.23 19.07
CA VAL A 265 12.91 -18.69 17.71
C VAL A 265 11.83 -18.24 16.72
N ILE A 266 12.26 -17.63 15.63
CA ILE A 266 11.36 -17.27 14.54
C ILE A 266 11.64 -18.23 13.39
N CYS A 267 10.68 -19.12 13.13
CA CYS A 267 10.86 -20.14 12.10
C CYS A 267 10.08 -19.74 10.86
N THR A 268 10.78 -19.51 9.76
CA THR A 268 10.17 -19.16 8.48
C THR A 268 10.18 -20.34 7.50
N VAL A 269 10.51 -21.55 7.94
CA VAL A 269 10.52 -22.71 7.05
C VAL A 269 9.10 -23.00 6.58
N PRO A 270 8.87 -23.16 5.28
CA PRO A 270 7.52 -23.47 4.78
C PRO A 270 7.05 -24.83 5.24
N VAL A 271 5.71 -24.97 5.26
CA VAL A 271 5.04 -26.21 5.63
C VAL A 271 5.56 -27.40 4.83
N GLY A 272 5.80 -27.22 3.53
CA GLY A 272 6.24 -28.31 2.70
C GLY A 272 7.60 -28.86 3.07
N ALA A 273 8.34 -28.16 3.93
CA ALA A 273 9.68 -28.57 4.34
C ALA A 273 9.80 -28.70 5.86
N LEU A 274 8.69 -28.60 6.60
CA LEU A 274 8.77 -28.69 8.06
C LEU A 274 9.09 -30.10 8.56
N SER A 275 8.92 -31.15 7.73
CA SER A 275 9.24 -32.51 8.14
C SER A 275 10.73 -32.71 8.34
N ASN A 276 11.55 -31.76 7.93
CA ASN A 276 12.98 -31.92 8.15
C ASN A 276 13.41 -31.50 9.54
N ILE A 277 12.52 -30.88 10.31
CA ILE A 277 12.82 -30.36 11.63
C ILE A 277 12.00 -31.13 12.66
N GLU A 278 12.66 -31.60 13.71
CA GLU A 278 11.98 -32.21 14.83
C GLU A 278 11.72 -31.14 15.89
N PHE A 279 10.48 -31.10 16.38
CA PHE A 279 10.11 -30.15 17.41
C PHE A 279 9.90 -30.89 18.73
N SER A 280 10.34 -30.27 19.80
CA SER A 280 10.17 -30.87 21.11
C SER A 280 9.86 -29.76 22.10
N PRO A 281 8.65 -29.75 22.70
CA PRO A 281 7.61 -30.75 22.45
C PRO A 281 7.04 -30.67 21.06
N ALA A 282 6.39 -31.75 20.64
CA ALA A 282 5.79 -31.80 19.30
C ALA A 282 4.74 -30.70 19.15
N LEU A 283 4.57 -30.27 17.91
CA LEU A 283 3.57 -29.26 17.59
C LEU A 283 2.17 -29.79 17.89
N PRO A 284 1.21 -28.89 18.23
CA PRO A 284 -0.17 -29.34 18.46
C PRO A 284 -0.73 -30.18 17.31
N ASP A 285 -1.74 -30.99 17.60
CA ASP A 285 -2.30 -31.89 16.61
C ASP A 285 -2.80 -31.15 15.39
N ALA A 286 -3.56 -30.07 15.59
CA ALA A 286 -4.15 -29.35 14.48
C ALA A 286 -3.09 -28.70 13.60
N VAL A 287 -1.97 -28.28 14.19
CA VAL A 287 -0.87 -27.77 13.39
C VAL A 287 -0.20 -28.91 12.62
N GLN A 288 0.00 -30.05 13.28
CA GLN A 288 0.64 -31.19 12.62
C GLN A 288 -0.20 -31.72 11.48
N SER A 289 -1.53 -31.65 11.60
CA SER A 289 -2.39 -32.18 10.56
C SER A 289 -2.31 -31.33 9.29
N VAL A 290 -1.98 -30.05 9.44
CA VAL A 290 -1.71 -29.20 8.29
C VAL A 290 -0.41 -29.61 7.62
N ILE A 291 0.62 -29.90 8.43
CA ILE A 291 1.90 -30.34 7.87
C ILE A 291 1.73 -31.64 7.11
N ASP A 292 0.96 -32.59 7.64
CA ASP A 292 0.72 -33.84 6.93
C ASP A 292 -0.11 -33.62 5.68
N ASP A 293 -1.09 -32.73 5.77
CA ASP A 293 -1.94 -32.39 4.64
C ASP A 293 -1.34 -31.21 3.88
N LYS A 294 -0.39 -30.51 4.51
CA LYS A 294 0.28 -29.37 3.92
C LYS A 294 -0.70 -28.35 3.34
N TRP A 295 -0.39 -27.86 2.14
CA TRP A 295 -1.24 -26.89 1.47
C TRP A 295 -1.75 -27.44 0.15
N ASN A 296 -2.11 -26.56 -0.76
CA ASN A 296 -2.63 -26.97 -2.06
C ASN A 296 -1.64 -26.69 -3.21
N SER A 297 -0.37 -26.46 -2.88
CA SER A 297 0.63 -25.95 -3.82
C SER A 297 1.52 -27.08 -4.35
N GLN A 298 1.03 -27.82 -5.35
CA GLN A 298 1.78 -28.92 -5.96
C GLN A 298 2.24 -28.63 -7.39
N GLY A 299 2.07 -27.39 -7.89
CA GLY A 299 2.34 -27.05 -9.27
C GLY A 299 3.76 -26.62 -9.55
N ALA A 300 3.92 -25.90 -10.67
CA ALA A 300 5.26 -25.54 -11.12
C ALA A 300 5.19 -24.39 -12.11
N LYS A 301 6.29 -23.61 -12.16
CA LYS A 301 6.43 -22.45 -13.04
C LYS A 301 7.58 -22.71 -14.02
N ILE A 302 7.34 -22.43 -15.30
CA ILE A 302 8.31 -22.71 -16.36
C ILE A 302 8.60 -21.41 -17.13
N TRP A 303 9.81 -21.34 -17.70
CA TRP A 303 10.18 -20.32 -18.68
C TRP A 303 10.52 -21.02 -20.00
N ILE A 304 9.86 -20.63 -21.09
CA ILE A 304 10.01 -21.26 -22.39
C ILE A 304 10.46 -20.21 -23.39
N LYS A 305 11.51 -20.52 -24.15
CA LYS A 305 11.95 -19.62 -25.22
C LYS A 305 11.61 -20.21 -26.58
N ILE A 306 10.92 -19.42 -27.43
CA ILE A 306 10.55 -19.87 -28.77
C ILE A 306 11.17 -18.95 -29.81
N LYS A 307 11.09 -19.39 -31.06
CA LYS A 307 11.63 -18.67 -32.21
C LYS A 307 10.71 -17.54 -32.64
N GLY A 308 11.32 -16.40 -32.99
CA GLY A 308 10.56 -15.27 -33.48
C GLY A 308 10.01 -14.41 -32.36
N HIS A 309 9.30 -13.36 -32.77
CA HIS A 309 8.62 -12.46 -31.86
C HIS A 309 7.12 -12.72 -31.96
N HIS A 310 6.53 -13.29 -30.91
CA HIS A 310 5.12 -13.64 -30.93
C HIS A 310 4.45 -13.18 -29.65
N ARG A 311 3.33 -12.47 -29.81
CA ARG A 311 2.51 -12.01 -28.69
C ARG A 311 1.47 -13.09 -28.43
N PHE A 312 1.69 -13.88 -27.40
CA PHE A 312 0.95 -15.12 -27.25
C PHE A 312 0.38 -15.23 -25.83
N LEU A 313 -0.83 -15.78 -25.76
CA LEU A 313 -1.48 -16.12 -24.50
C LEU A 313 -2.20 -17.46 -24.66
N GLY A 314 -1.99 -18.37 -23.71
CA GLY A 314 -2.62 -19.68 -23.80
C GLY A 314 -3.25 -20.15 -22.50
N TYR A 315 -4.50 -20.61 -22.59
CA TYR A 315 -5.24 -21.14 -21.45
C TYR A 315 -5.63 -22.59 -21.72
N ALA A 316 -5.41 -23.48 -20.73
CA ALA A 316 -5.82 -24.88 -20.89
C ALA A 316 -6.18 -25.46 -19.53
N PRO A 317 -7.25 -26.24 -19.44
CA PRO A 317 -7.71 -26.75 -18.14
C PRO A 317 -6.95 -27.98 -17.68
N LYS A 318 -7.20 -28.36 -16.43
CA LYS A 318 -6.65 -29.59 -15.90
C LYS A 318 -7.06 -30.75 -16.80
N PRO A 319 -6.16 -31.71 -17.11
CA PRO A 319 -4.82 -31.91 -16.53
C PRO A 319 -3.63 -31.49 -17.39
N ALA A 320 -3.77 -30.46 -18.22
CA ALA A 320 -2.67 -30.04 -19.09
C ALA A 320 -1.36 -29.80 -18.36
N LYS A 321 -0.24 -29.87 -19.09
CA LYS A 321 1.05 -29.68 -18.44
C LYS A 321 1.17 -28.27 -17.92
N MET A 322 0.67 -27.29 -18.68
CA MET A 322 0.67 -25.92 -18.22
C MET A 322 -0.69 -25.32 -18.52
N SER A 323 -1.22 -24.55 -17.57
CA SER A 323 -2.56 -24.01 -17.74
C SER A 323 -2.60 -22.56 -18.19
N VAL A 324 -1.60 -21.73 -17.88
CA VAL A 324 -1.56 -20.35 -18.34
C VAL A 324 -0.14 -20.06 -18.82
N VAL A 325 -0.01 -19.61 -20.07
CA VAL A 325 1.28 -19.33 -20.69
C VAL A 325 1.17 -17.99 -21.43
N ARG A 326 2.18 -17.13 -21.26
CA ARG A 326 2.11 -15.75 -21.74
C ARG A 326 3.48 -15.25 -22.14
N SER A 327 3.52 -14.41 -23.18
CA SER A 327 4.79 -13.80 -23.56
C SER A 327 5.19 -12.74 -22.54
N GLU A 328 6.50 -12.60 -22.31
CA GLU A 328 7.01 -11.70 -21.28
C GLU A 328 8.19 -10.84 -21.74
N TYR A 329 9.06 -11.37 -22.58
CA TYR A 329 10.24 -10.64 -23.04
C TYR A 329 10.44 -10.91 -24.52
N PHE A 330 10.77 -9.85 -25.26
CA PHE A 330 11.11 -9.94 -26.67
C PHE A 330 12.61 -9.72 -26.81
N MET A 331 13.33 -10.77 -27.16
CA MET A 331 14.78 -10.74 -27.13
C MET A 331 15.37 -10.19 -28.43
N ASP A 332 16.57 -9.64 -28.33
CA ASP A 332 17.21 -8.93 -29.42
C ASP A 332 17.72 -9.85 -30.52
N ASP A 333 17.76 -11.15 -30.29
CA ASP A 333 18.14 -12.11 -31.32
C ASP A 333 16.93 -12.77 -31.98
N ASP A 334 15.79 -12.08 -31.97
CA ASP A 334 14.56 -12.57 -32.60
C ASP A 334 14.11 -13.90 -31.98
N THR A 335 13.87 -13.88 -30.66
CA THR A 335 13.18 -14.96 -29.95
C THR A 335 12.25 -14.33 -28.92
N THR A 336 11.35 -15.14 -28.36
CA THR A 336 10.40 -14.71 -27.36
C THR A 336 10.51 -15.61 -26.14
N ILE A 337 10.51 -15.02 -24.96
CA ILE A 337 10.51 -15.77 -23.71
C ILE A 337 9.12 -15.68 -23.13
N LEU A 338 8.48 -16.83 -22.92
CA LEU A 338 7.17 -16.92 -22.31
C LEU A 338 7.28 -17.51 -20.92
N VAL A 339 6.31 -17.17 -20.06
CA VAL A 339 6.22 -17.77 -18.73
C VAL A 339 4.98 -18.67 -18.73
N GLY A 340 5.01 -19.72 -17.91
CA GLY A 340 3.86 -20.60 -17.81
C GLY A 340 3.71 -21.16 -16.42
N PHE A 341 2.46 -21.44 -16.04
CA PHE A 341 2.12 -22.00 -14.73
C PHE A 341 1.27 -23.25 -14.90
N GLY A 342 1.61 -24.30 -14.14
CA GLY A 342 0.95 -25.59 -14.28
C GLY A 342 0.62 -26.17 -12.93
N TYR A 343 -0.37 -27.05 -12.92
CA TYR A 343 -0.98 -27.46 -11.65
C TYR A 343 -0.28 -28.64 -10.97
N ASP A 344 0.59 -29.38 -11.69
CA ASP A 344 1.16 -30.65 -11.22
C ASP A 344 2.63 -30.74 -11.62
N ASN A 345 3.53 -30.56 -10.64
CA ASN A 345 4.96 -30.57 -10.91
C ASN A 345 5.47 -31.94 -11.36
N THR A 346 4.78 -33.03 -11.01
CA THR A 346 5.30 -34.34 -11.38
C THR A 346 4.98 -34.72 -12.82
N ASN A 347 4.27 -33.88 -13.58
CA ASN A 347 3.91 -34.20 -14.95
C ASN A 347 4.69 -33.38 -15.98
N ILE A 348 5.75 -32.67 -15.57
CA ILE A 348 6.53 -31.89 -16.53
C ILE A 348 7.97 -31.79 -16.05
N ASP A 349 8.91 -32.00 -16.97
CA ASP A 349 10.32 -31.70 -16.73
C ASP A 349 10.58 -30.27 -17.21
N LEU A 350 10.84 -29.37 -16.26
CA LEU A 350 10.97 -27.95 -16.59
C LEU A 350 12.21 -27.64 -17.42
N ASN A 351 13.16 -28.56 -17.48
CA ASN A 351 14.39 -28.33 -18.24
C ASN A 351 14.48 -29.21 -19.48
N SER A 352 13.37 -29.83 -19.90
CA SER A 352 13.34 -30.69 -21.08
C SER A 352 12.72 -29.90 -22.23
N ILE A 353 13.50 -29.66 -23.30
CA ILE A 353 12.98 -28.94 -24.45
C ILE A 353 11.81 -29.69 -25.07
N GLU A 354 11.84 -31.02 -25.05
CA GLU A 354 10.71 -31.81 -25.55
C GLU A 354 9.45 -31.53 -24.75
N ASP A 355 9.56 -31.53 -23.41
CA ASP A 355 8.39 -31.24 -22.60
C ASP A 355 7.87 -29.82 -22.86
N ALA A 356 8.78 -28.85 -23.02
CA ALA A 356 8.33 -27.48 -23.30
C ALA A 356 7.65 -27.42 -24.66
N GLN A 357 8.16 -28.15 -25.65
CA GLN A 357 7.51 -28.21 -26.95
C GLN A 357 6.12 -28.83 -26.86
N ALA A 358 5.94 -29.84 -26.01
CA ALA A 358 4.62 -30.43 -25.80
C ALA A 358 3.66 -29.42 -25.17
N VAL A 359 4.17 -28.52 -24.32
CA VAL A 359 3.35 -27.47 -23.72
C VAL A 359 2.85 -26.52 -24.80
N ILE A 360 3.77 -25.99 -25.60
CA ILE A 360 3.37 -25.07 -26.67
C ILE A 360 2.43 -25.78 -27.65
N ASN A 361 2.68 -27.07 -27.90
CA ASN A 361 1.83 -27.82 -28.82
C ASN A 361 0.40 -28.00 -28.32
N GLN A 362 0.12 -27.64 -27.06
CA GLN A 362 -1.26 -27.63 -26.58
C GLN A 362 -2.13 -26.68 -27.40
N TRP A 363 -1.55 -25.61 -27.95
CA TRP A 363 -2.31 -24.63 -28.69
C TRP A 363 -1.89 -24.47 -30.15
N ARG A 364 -0.61 -24.64 -30.47
CA ARG A 364 -0.11 -24.35 -31.80
C ARG A 364 0.81 -25.48 -32.27
N ASP A 365 0.84 -25.70 -33.58
CA ASP A 365 1.77 -26.64 -34.18
C ASP A 365 2.85 -25.96 -35.00
N ASP A 366 2.91 -24.63 -34.99
CA ASP A 366 3.80 -23.88 -35.88
C ASP A 366 4.85 -23.08 -35.12
N LEU A 367 4.91 -23.20 -33.80
CA LEU A 367 5.86 -22.46 -32.99
C LEU A 367 6.92 -23.41 -32.45
N GLU A 368 8.16 -22.96 -32.42
CA GLU A 368 9.30 -23.82 -32.21
C GLU A 368 10.05 -23.46 -30.94
N VAL A 369 10.06 -24.37 -29.97
CA VAL A 369 10.81 -24.16 -28.74
C VAL A 369 12.30 -24.34 -29.01
N VAL A 370 13.11 -23.38 -28.54
CA VAL A 370 14.57 -23.49 -28.64
C VAL A 370 15.27 -23.57 -27.28
N ASP A 371 14.63 -23.19 -26.17
CA ASP A 371 15.22 -23.36 -24.85
C ASP A 371 14.10 -23.41 -23.82
N THR A 372 14.45 -23.79 -22.59
CA THR A 372 13.46 -23.90 -21.52
C THR A 372 14.21 -24.00 -20.21
N THR A 373 13.61 -23.47 -19.14
CA THR A 373 14.22 -23.61 -17.82
C THR A 373 13.17 -23.39 -16.73
N GLY A 374 13.53 -23.85 -15.53
CA GLY A 374 12.67 -23.69 -14.37
C GLY A 374 13.34 -24.37 -13.20
N HIS A 375 12.80 -24.11 -12.02
CA HIS A 375 13.22 -24.77 -10.78
C HIS A 375 11.99 -25.38 -10.13
N ASN A 376 12.02 -26.69 -9.88
CA ASN A 376 10.88 -27.41 -9.33
C ASN A 376 10.86 -27.25 -7.80
N TRP A 377 10.23 -26.16 -7.35
CA TRP A 377 10.17 -25.80 -5.94
C TRP A 377 9.55 -26.89 -5.09
N VAL A 378 8.59 -27.63 -5.63
CA VAL A 378 7.95 -28.70 -4.88
C VAL A 378 8.94 -29.81 -4.54
N ALA A 379 9.80 -30.19 -5.49
CA ALA A 379 10.82 -31.20 -5.22
C ALA A 379 12.04 -30.65 -4.50
N ASP A 380 12.04 -29.38 -4.15
CA ASP A 380 13.17 -28.74 -3.49
C ASP A 380 13.07 -29.01 -2.00
N LYS A 381 14.09 -29.68 -1.46
CA LYS A 381 14.08 -30.16 -0.08
C LYS A 381 13.81 -29.05 0.94
N TRP A 382 14.20 -27.81 0.66
CA TRP A 382 14.04 -26.72 1.62
C TRP A 382 12.82 -25.84 1.32
N ALA A 383 11.94 -26.31 0.44
CA ALA A 383 10.69 -25.64 0.08
C ALA A 383 9.53 -26.62 0.17
N GLY A 384 9.51 -27.57 -0.75
CA GLY A 384 8.52 -28.59 -0.77
C GLY A 384 7.15 -28.16 -1.21
N GLN A 385 7.08 -27.02 -1.87
CA GLN A 385 5.86 -26.39 -2.33
C GLN A 385 6.22 -25.17 -3.15
N ALA A 386 5.25 -24.61 -3.84
CA ALA A 386 5.44 -23.36 -4.56
C ALA A 386 4.95 -22.26 -3.63
N TRP A 387 4.02 -21.43 -4.07
CA TRP A 387 3.47 -20.46 -3.16
C TRP A 387 2.31 -21.10 -2.42
N GLY A 388 2.20 -20.80 -1.15
CA GLY A 388 1.15 -21.38 -0.34
C GLY A 388 -0.25 -21.04 -0.75
N THR A 389 -1.07 -22.04 -0.96
CA THR A 389 -2.48 -21.88 -1.31
C THR A 389 -3.29 -22.84 -0.46
N LEU A 390 -4.61 -22.62 -0.39
CA LEU A 390 -5.44 -23.26 0.63
C LEU A 390 -6.26 -24.41 0.06
N ARG A 391 -6.23 -25.55 0.75
CA ARG A 391 -7.19 -26.62 0.51
C ARG A 391 -8.49 -26.32 1.25
N LYS A 392 -9.57 -26.99 0.85
CA LYS A 392 -10.83 -26.85 1.57
C LYS A 392 -10.60 -26.99 3.06
N GLY A 393 -11.22 -26.09 3.84
CA GLY A 393 -11.10 -26.13 5.28
C GLY A 393 -9.91 -25.39 5.87
N GLN A 394 -8.92 -25.01 5.06
CA GLN A 394 -7.71 -24.37 5.56
C GLN A 394 -7.82 -22.86 5.71
N PHE A 395 -8.89 -22.23 5.21
CA PHE A 395 -9.06 -20.81 5.50
C PHE A 395 -9.39 -20.59 6.96
N THR A 396 -10.26 -21.43 7.52
CA THR A 396 -10.67 -21.29 8.91
C THR A 396 -9.91 -22.22 9.86
N GLN A 397 -9.39 -23.35 9.38
CA GLN A 397 -8.60 -24.28 10.20
C GLN A 397 -7.28 -24.62 9.49
N GLY A 398 -6.47 -23.60 9.21
CA GLY A 398 -5.22 -23.86 8.53
C GLY A 398 -4.14 -22.87 8.93
N TRP A 399 -4.00 -21.81 8.15
CA TRP A 399 -2.90 -20.87 8.34
C TRP A 399 -2.97 -20.19 9.70
N SER A 400 -4.15 -20.05 10.28
CA SER A 400 -4.28 -19.33 11.55
C SER A 400 -3.91 -20.20 12.74
N LEU A 401 -3.73 -21.51 12.56
CA LEU A 401 -3.34 -22.36 13.66
C LEU A 401 -1.90 -22.13 14.08
N PHE A 402 -1.09 -21.51 13.24
CA PHE A 402 0.32 -21.32 13.52
C PHE A 402 0.63 -20.07 14.33
N ASP A 403 -0.34 -19.19 14.56
CA ASP A 403 0.00 -17.91 15.16
C ASP A 403 -0.05 -18.01 16.67
N ILE A 405 -0.02 -20.78 21.83
CA ILE A 405 1.02 -21.80 21.98
C ILE A 405 2.38 -21.26 21.59
N ASP A 406 3.41 -22.06 21.82
CA ASP A 406 4.79 -21.70 21.51
C ASP A 406 5.16 -20.31 22.04
N SER A 407 5.16 -20.17 23.37
CA SER A 407 5.48 -18.90 24.00
C SER A 407 6.84 -18.38 23.53
N GLN A 408 7.74 -19.29 23.19
CA GLN A 408 9.07 -18.93 22.71
C GLN A 408 9.36 -19.34 21.27
N LEU A 409 8.45 -20.03 20.61
CA LEU A 409 8.53 -20.36 19.20
C LEU A 409 7.50 -19.54 18.43
N PHE A 410 7.93 -18.90 17.33
CA PHE A 410 7.03 -18.13 16.46
C PHE A 410 7.13 -18.60 15.01
N PHE A 411 5.98 -18.70 14.34
CA PHE A 411 5.92 -19.01 12.92
C PHE A 411 5.69 -17.73 12.14
N ALA A 412 6.63 -17.39 11.27
CA ALA A 412 6.54 -16.23 10.40
C ALA A 412 6.72 -16.71 8.97
N GLY A 413 6.07 -16.04 8.04
CA GLY A 413 6.14 -16.48 6.66
C GLY A 413 4.93 -16.02 5.89
N SER A 414 5.07 -16.01 4.56
CA SER A 414 3.97 -15.50 3.75
C SER A 414 2.74 -16.38 3.90
N ASP A 415 2.94 -17.68 4.13
CA ASP A 415 1.81 -18.61 4.26
C ASP A 415 0.95 -18.36 5.50
N TYR A 416 1.37 -17.51 6.44
CA TYR A 416 0.61 -17.24 7.65
C TYR A 416 0.13 -15.80 7.73
N ALA A 417 0.21 -15.05 6.64
CA ALA A 417 -0.09 -13.62 6.66
C ALA A 417 -1.60 -13.36 6.70
N TYR A 418 -1.97 -12.18 7.22
CA TYR A 418 -3.38 -11.79 7.22
C TYR A 418 -3.86 -11.34 5.85
N GLY A 419 -2.98 -10.73 5.07
CA GLY A 419 -3.35 -10.09 3.83
C GLY A 419 -3.14 -10.98 2.62
N TRP A 420 -2.12 -10.66 1.80
CA TRP A 420 -1.83 -11.41 0.58
C TRP A 420 -1.05 -12.69 0.92
N ARG A 421 -1.78 -13.62 1.51
CA ARG A 421 -1.21 -14.82 2.12
C ARG A 421 -0.69 -15.79 1.07
N GLY A 422 0.56 -16.22 1.26
CA GLY A 422 1.17 -17.26 0.44
C GLY A 422 1.61 -16.82 -0.94
N VAL A 423 0.69 -16.24 -1.71
CA VAL A 423 0.94 -15.95 -3.13
C VAL A 423 1.85 -14.75 -3.39
N CYS A 424 2.13 -13.95 -2.37
CA CYS A 424 2.85 -12.70 -2.57
C CYS A 424 3.97 -12.50 -1.54
N VAL A 425 5.04 -11.87 -2.00
CA VAL A 425 6.09 -11.38 -1.11
C VAL A 425 5.52 -10.42 -0.06
N ASP A 426 4.45 -9.69 -0.39
CA ASP A 426 3.83 -8.80 0.58
C ASP A 426 3.47 -9.52 1.88
N GLY A 427 3.00 -10.77 1.77
CA GLY A 427 2.66 -11.54 2.96
C GLY A 427 3.87 -11.90 3.80
N ALA A 428 5.01 -12.21 3.15
CA ALA A 428 6.21 -12.53 3.91
C ALA A 428 6.75 -11.29 4.61
N LEU A 429 6.69 -10.15 3.91
CA LEU A 429 7.18 -8.92 4.51
C LEU A 429 6.25 -8.50 5.64
N GLU A 430 4.94 -8.66 5.46
CA GLU A 430 3.99 -8.39 6.54
C GLU A 430 4.27 -9.27 7.75
N LYS A 431 4.33 -10.57 7.56
CA LYS A 431 4.35 -11.48 8.69
C LYS A 431 5.70 -11.53 9.38
N GLY A 432 6.79 -11.34 8.63
CA GLY A 432 8.09 -11.29 9.27
C GLY A 432 8.20 -10.10 10.20
N MET A 433 7.70 -8.94 9.76
CA MET A 433 7.78 -7.71 10.55
C MET A 433 6.91 -7.79 11.80
N THR A 434 5.67 -8.32 11.68
CA THR A 434 4.79 -8.33 12.84
C THR A 434 5.19 -9.41 13.84
N THR A 435 5.75 -10.53 13.37
CA THR A 435 6.28 -11.53 14.30
C THR A 435 7.44 -10.94 15.09
N ALA A 436 8.34 -10.25 14.42
CA ALA A 436 9.37 -9.52 15.13
C ALA A 436 8.77 -8.59 16.19
N ARG A 437 7.67 -7.91 15.85
CA ARG A 437 7.06 -7.02 16.84
C ARG A 437 6.45 -7.80 17.98
N GLN A 438 5.94 -9.00 17.71
CA GLN A 438 5.49 -9.86 18.81
C GLN A 438 6.63 -10.10 19.79
N VAL A 439 7.84 -10.36 19.28
CA VAL A 439 8.97 -10.65 20.15
C VAL A 439 9.37 -9.41 20.92
N ILE A 440 9.34 -8.25 20.27
CA ILE A 440 9.70 -6.99 20.92
C ILE A 440 8.70 -6.64 22.02
N ASN A 441 7.40 -6.80 21.74
CA ASN A 441 6.38 -6.44 22.72
C ASN A 441 6.48 -7.33 23.95
N SER A 442 6.65 -8.63 23.75
CA SER A 442 6.74 -9.53 24.89
C SER A 442 7.98 -9.24 25.73
N MET A 443 9.10 -8.87 25.09
CA MET A 443 10.29 -8.54 25.85
C MET A 443 10.19 -7.19 26.57
N ARG A 444 9.20 -6.36 26.25
CA ARG A 444 9.08 -5.06 26.90
C ARG A 444 8.03 -5.06 28.03
N LYS B 5 25.06 12.40 14.66
CA LYS B 5 25.72 13.36 13.82
C LYS B 5 24.75 13.94 12.76
N VAL B 6 23.57 13.36 12.64
CA VAL B 6 22.51 13.96 11.81
C VAL B 6 21.49 14.67 12.69
N VAL B 7 21.17 15.92 12.33
CA VAL B 7 20.20 16.73 13.08
C VAL B 7 18.90 16.72 12.28
N ILE B 8 17.81 16.32 12.93
CA ILE B 8 16.49 16.30 12.31
C ILE B 8 15.69 17.45 12.91
N ILE B 9 15.18 18.32 12.05
CA ILE B 9 14.37 19.46 12.46
C ILE B 9 12.91 19.07 12.33
N GLY B 10 12.25 18.90 13.48
CA GLY B 10 10.82 18.65 13.54
C GLY B 10 10.52 17.22 13.94
N ALA B 11 9.56 17.01 14.84
CA ALA B 11 9.17 15.68 15.26
C ALA B 11 7.74 15.36 14.80
N GLY B 12 7.40 15.76 13.58
CA GLY B 12 6.24 15.24 12.87
C GLY B 12 6.52 13.86 12.30
N PHE B 13 5.59 13.37 11.47
CA PHE B 13 5.73 12.01 10.95
C PHE B 13 7.03 11.85 10.15
N ALA B 14 7.34 12.81 9.27
CA ALA B 14 8.58 12.70 8.49
C ALA B 14 9.81 12.67 9.39
N GLY B 15 9.91 13.61 10.34
CA GLY B 15 11.10 13.64 11.18
C GLY B 15 11.28 12.37 12.00
N LEU B 16 10.18 11.81 12.52
CA LEU B 16 10.24 10.63 13.37
C LEU B 16 10.65 9.38 12.60
N VAL B 17 10.09 9.19 11.41
CA VAL B 17 10.38 7.96 10.68
C VAL B 17 11.79 7.99 10.09
N ALA B 18 12.25 9.18 9.68
CA ALA B 18 13.66 9.32 9.29
C ALA B 18 14.56 8.95 10.45
N ALA B 19 14.24 9.44 11.65
CA ALA B 19 15.01 9.05 12.84
C ALA B 19 15.03 7.54 13.01
N ARG B 20 13.87 6.89 12.87
CA ARG B 20 13.86 5.44 13.03
C ARG B 20 14.69 4.78 11.96
N GLU B 21 14.64 5.32 10.74
CA GLU B 21 15.43 4.76 9.64
C GLU B 21 16.92 4.95 9.89
N LEU B 22 17.33 6.17 10.29
CA LEU B 22 18.74 6.40 10.62
C LEU B 22 19.21 5.43 11.69
N GLN B 23 18.38 5.22 12.72
CA GLN B 23 18.71 4.30 13.81
C GLN B 23 18.94 2.87 13.30
N THR B 24 18.05 2.37 12.43
CA THR B 24 18.25 1.04 11.87
C THR B 24 19.61 0.92 11.18
N ALA B 25 20.07 2.00 10.56
CA ALA B 25 21.34 1.99 9.85
C ALA B 25 22.55 2.20 10.76
N GLY B 26 22.37 2.44 12.06
CA GLY B 26 23.47 2.67 12.97
C GLY B 26 24.03 4.09 13.00
N ILE B 27 23.31 5.07 12.48
CA ILE B 27 23.80 6.44 12.35
C ILE B 27 23.21 7.33 13.45
N GLU B 28 24.08 8.12 14.09
CA GLU B 28 23.66 8.98 15.18
C GLU B 28 22.83 10.17 14.68
N TYR B 29 21.79 10.50 15.44
CA TYR B 29 20.85 11.51 15.03
C TYR B 29 20.38 12.25 16.26
N GLU B 30 19.68 13.36 16.04
CA GLU B 30 19.01 14.06 17.13
C GLU B 30 17.88 14.90 16.56
N ILE B 31 16.70 14.85 17.20
CA ILE B 31 15.52 15.59 16.74
C ILE B 31 15.32 16.82 17.61
N LEU B 32 15.19 17.98 16.98
CA LEU B 32 14.86 19.23 17.66
C LEU B 32 13.47 19.66 17.21
N GLU B 33 12.54 19.78 18.16
CA GLU B 33 11.16 20.12 17.90
C GLU B 33 10.82 21.43 18.64
N ALA B 34 10.29 22.41 17.88
CA ALA B 34 9.97 23.73 18.45
C ALA B 34 8.88 23.63 19.52
N LYS B 35 7.84 22.84 19.27
CA LYS B 35 6.69 22.80 20.15
C LYS B 35 6.99 21.99 21.40
N ASP B 36 6.01 21.95 22.30
CA ASP B 36 6.04 21.16 23.52
C ASP B 36 5.55 19.73 23.30
N ARG B 37 5.36 19.31 22.05
CA ARG B 37 4.73 18.04 21.72
C ARG B 37 5.24 17.55 20.38
N ILE B 38 5.11 16.25 20.14
CA ILE B 38 5.44 15.64 18.85
C ILE B 38 4.15 15.42 18.06
N GLY B 39 4.30 15.13 16.77
CA GLY B 39 3.19 14.77 15.90
C GLY B 39 2.92 15.78 14.80
N GLY B 40 3.27 17.05 15.05
CA GLY B 40 3.17 18.06 14.03
C GLY B 40 1.73 18.28 13.61
N ARG B 41 1.51 18.37 12.30
CA ARG B 41 0.16 18.58 11.76
C ARG B 41 -0.75 17.34 11.85
N ALA B 42 -0.30 16.26 12.50
CA ALA B 42 -1.18 15.21 13.03
C ALA B 42 -1.24 15.42 14.53
N TRP B 43 -2.45 15.56 15.09
CA TRP B 43 -2.55 16.00 16.49
C TRP B 43 -3.90 15.59 17.07
N THR B 44 -3.91 14.53 17.86
CA THR B 44 -5.11 14.09 18.55
C THR B 44 -5.14 14.75 19.92
N GLU B 45 -6.22 15.46 20.21
CA GLU B 45 -6.38 16.12 21.50
C GLU B 45 -7.82 15.99 21.97
N GLU B 46 -8.02 15.78 23.27
CA GLU B 46 -9.37 15.74 23.80
C GLU B 46 -9.98 17.15 23.71
N ARG B 47 -11.09 17.27 22.99
CA ARG B 47 -11.85 18.52 22.88
C ARG B 47 -13.32 18.19 22.73
N MET B 48 -14.18 18.97 23.39
CA MET B 48 -15.63 18.78 23.33
C MET B 48 -16.05 17.40 23.81
N GLY B 49 -15.30 16.84 24.75
CA GLY B 49 -15.65 15.57 25.36
C GLY B 49 -15.15 14.34 24.63
N ARG B 50 -14.06 14.46 23.89
CA ARG B 50 -13.70 13.36 22.99
C ARG B 50 -12.33 13.56 22.37
N PRO B 51 -11.59 12.49 22.08
CA PRO B 51 -10.36 12.61 21.29
C PRO B 51 -10.71 13.00 19.86
N LEU B 52 -10.21 14.15 19.42
CA LEU B 52 -10.52 14.66 18.09
C LEU B 52 -9.22 14.91 17.33
N GLU B 53 -9.26 14.67 16.02
CA GLU B 53 -8.11 14.88 15.14
C GLU B 53 -8.14 16.33 14.65
N LEU B 54 -7.31 17.18 15.28
CA LEU B 54 -7.23 18.58 14.83
C LEU B 54 -6.51 18.72 13.50
N GLY B 55 -5.69 17.74 13.14
CA GLY B 55 -5.05 17.66 11.86
C GLY B 55 -5.52 16.43 11.12
N ALA B 56 -4.61 15.46 10.97
CA ALA B 56 -4.84 14.25 10.17
C ALA B 56 -5.87 13.30 10.78
N THR B 57 -6.76 12.68 9.91
CA THR B 57 -7.80 11.76 10.41
C THR B 57 -7.93 10.42 9.69
N TRP B 58 -7.87 10.37 8.36
CA TRP B 58 -8.25 9.18 7.60
C TRP B 58 -7.05 8.45 7.00
N VAL B 59 -7.22 7.12 6.87
CA VAL B 59 -6.18 6.17 6.46
C VAL B 59 -6.81 5.10 5.55
N HIS B 60 -5.95 4.29 4.91
CA HIS B 60 -6.40 3.23 4.01
C HIS B 60 -5.28 2.23 3.70
N TRP B 61 -5.66 0.97 3.45
CA TRP B 61 -4.65 -0.05 3.15
C TRP B 61 -4.03 0.10 1.77
N PHE B 62 -4.58 0.96 0.88
CA PHE B 62 -3.92 1.29 -0.38
C PHE B 62 -2.87 2.39 -0.23
N GLN B 63 -2.56 2.77 1.01
CA GLN B 63 -1.50 3.72 1.35
C GLN B 63 -0.36 2.93 1.98
N ALA B 64 0.66 2.61 1.18
CA ALA B 64 1.68 1.64 1.59
C ALA B 64 2.37 2.02 2.89
N HIS B 65 2.83 3.26 3.00
CA HIS B 65 3.65 3.65 4.14
C HIS B 65 2.82 3.78 5.42
N THR B 66 1.66 4.43 5.32
CA THR B 66 0.74 4.52 6.46
C THR B 66 0.26 3.15 6.90
N TRP B 67 -0.10 2.27 5.95
CA TRP B 67 -0.63 0.97 6.32
C TRP B 67 0.45 0.12 6.98
N THR B 68 1.69 0.21 6.50
CA THR B 68 2.74 -0.59 7.14
C THR B 68 2.93 -0.20 8.60
N GLU B 69 2.85 1.10 8.91
CA GLU B 69 2.92 1.56 10.30
C GLU B 69 1.71 1.10 11.11
N ILE B 70 0.52 1.15 10.48
CA ILE B 70 -0.69 0.65 11.14
C ILE B 70 -0.51 -0.80 11.58
N MET B 71 0.04 -1.64 10.68
CA MET B 71 0.32 -3.04 11.05
C MET B 71 1.40 -3.12 12.12
N ARG B 72 2.48 -2.34 11.99
CA ARG B 72 3.58 -2.42 12.93
C ARG B 72 3.15 -2.13 14.37
N TYR B 73 2.30 -1.12 14.58
CA TYR B 73 1.97 -0.71 15.95
C TYR B 73 0.60 -1.19 16.42
N GLY B 74 0.13 -2.30 15.88
CA GLY B 74 -1.00 -3.02 16.42
C GLY B 74 -2.36 -2.50 16.05
N GLN B 75 -2.48 -1.63 15.04
CA GLN B 75 -3.77 -1.01 14.75
C GLN B 75 -4.52 -1.70 13.62
N ARG B 76 -4.11 -2.92 13.24
CA ARG B 76 -4.67 -3.63 12.10
C ARG B 76 -6.21 -3.63 12.09
N THR B 77 -6.83 -3.96 13.22
CA THR B 77 -8.29 -4.02 13.36
C THR B 77 -8.90 -2.80 14.05
N GLU B 78 -8.11 -1.76 14.33
CA GLU B 78 -8.58 -0.61 15.07
C GLU B 78 -8.90 0.56 14.15
N ILE B 79 -9.73 0.30 13.14
CA ILE B 79 -10.20 1.32 12.21
C ILE B 79 -11.71 1.22 12.12
N THR B 80 -12.36 2.38 11.96
CA THR B 80 -13.81 2.47 11.84
C THR B 80 -14.19 3.41 10.70
N ALA B 81 -15.24 3.05 9.96
CA ALA B 81 -15.70 3.89 8.85
C ALA B 81 -16.52 5.06 9.38
N SER B 82 -16.33 6.22 8.76
CA SER B 82 -17.19 7.34 9.09
C SER B 82 -18.63 6.95 8.78
N PRO B 83 -19.59 7.43 9.56
CA PRO B 83 -21.00 7.06 9.34
C PRO B 83 -21.52 7.63 8.03
N SER B 84 -22.56 7.00 7.52
CA SER B 84 -23.17 7.49 6.29
C SER B 84 -24.63 7.82 6.57
N GLY B 85 -25.27 8.46 5.60
CA GLY B 85 -26.66 8.83 5.70
C GLY B 85 -27.30 9.00 4.35
N ASN B 86 -28.11 10.05 4.20
CA ASN B 86 -28.79 10.33 2.93
C ASN B 86 -29.24 11.78 2.86
N ASP B 87 -29.93 12.12 1.78
CA ASP B 87 -30.45 13.47 1.55
C ASP B 87 -29.41 14.56 1.78
N ALA B 88 -28.38 14.58 0.94
CA ALA B 88 -27.33 15.59 1.04
C ALA B 88 -27.88 16.97 0.71
N HIS B 89 -27.32 17.99 1.34
CA HIS B 89 -27.79 19.37 1.09
C HIS B 89 -26.68 20.11 0.37
N TRP B 90 -27.01 20.80 -0.71
CA TRP B 90 -25.98 21.57 -1.38
C TRP B 90 -26.52 22.90 -1.90
N VAL B 91 -25.64 23.90 -1.86
CA VAL B 91 -25.94 25.24 -2.36
C VAL B 91 -25.50 25.29 -3.81
N THR B 92 -26.37 25.76 -4.68
CA THR B 92 -25.89 25.89 -6.03
C THR B 92 -26.15 27.30 -6.54
N ASP B 93 -27.37 27.65 -6.81
CA ASP B 93 -27.58 28.91 -7.54
C ASP B 93 -28.10 29.97 -6.58
N GLY B 94 -27.32 30.14 -5.52
CA GLY B 94 -27.74 30.90 -4.36
C GLY B 94 -28.79 30.23 -3.48
N LYS B 95 -29.25 29.05 -3.86
CA LYS B 95 -30.28 28.34 -3.12
C LYS B 95 -29.80 26.98 -2.60
N VAL B 96 -30.58 26.45 -1.67
CA VAL B 96 -30.27 25.19 -1.00
C VAL B 96 -31.06 24.07 -1.67
N VAL B 97 -30.37 23.02 -2.10
CA VAL B 97 -30.99 21.85 -2.71
C VAL B 97 -30.84 20.65 -1.77
N LYS B 98 -31.94 19.94 -1.54
CA LYS B 98 -31.93 18.69 -0.78
C LYS B 98 -32.14 17.52 -1.73
N GLY B 99 -31.23 16.56 -1.70
CA GLY B 99 -31.36 15.40 -2.57
C GLY B 99 -30.79 14.17 -1.90
N THR B 100 -30.73 13.06 -2.60
CA THR B 100 -30.15 11.87 -1.98
C THR B 100 -28.64 11.87 -2.15
N GLU B 101 -27.98 11.21 -1.21
CA GLU B 101 -26.54 11.05 -1.30
C GLU B 101 -26.17 10.26 -2.55
N ASP B 102 -27.04 9.36 -3.01
CA ASP B 102 -26.70 8.67 -4.24
C ASP B 102 -26.86 9.59 -5.45
N ASP B 103 -27.77 10.58 -5.38
CA ASP B 103 -27.84 11.58 -6.43
C ASP B 103 -26.56 12.41 -6.47
N LEU B 104 -26.10 12.85 -5.30
CA LEU B 104 -24.90 13.64 -5.25
C LEU B 104 -23.70 12.86 -5.78
N ASP B 105 -23.55 11.60 -5.35
CA ASP B 105 -22.37 10.84 -5.75
C ASP B 105 -22.40 10.54 -7.25
N GLU B 106 -23.57 10.41 -7.83
CA GLU B 106 -23.62 10.24 -9.28
C GLU B 106 -23.16 11.50 -10.01
N LYS B 107 -23.46 12.68 -9.46
CA LYS B 107 -23.00 13.92 -10.08
C LYS B 107 -21.49 14.11 -9.95
N LEU B 108 -20.94 13.85 -8.77
CA LEU B 108 -19.50 13.95 -8.59
C LEU B 108 -18.75 12.90 -9.40
N THR B 109 -19.28 11.67 -9.46
CA THR B 109 -18.62 10.62 -10.25
C THR B 109 -18.47 11.04 -11.70
N ALA B 110 -19.54 11.55 -12.30
CA ALA B 110 -19.46 11.99 -13.68
C ALA B 110 -18.43 13.09 -13.85
N ALA B 111 -18.42 14.07 -12.94
CA ALA B 111 -17.49 15.18 -13.06
C ALA B 111 -16.05 14.74 -12.84
N MET B 112 -15.83 13.82 -11.91
CA MET B 112 -14.46 13.38 -11.62
C MET B 112 -13.89 12.58 -12.79
N GLY B 113 -14.72 11.82 -13.49
CA GLY B 113 -14.27 11.14 -14.70
C GLY B 113 -13.61 12.10 -15.68
N VAL B 114 -14.25 13.24 -15.91
CA VAL B 114 -13.67 14.23 -16.82
C VAL B 114 -12.44 14.89 -16.19
N THR B 115 -12.49 15.14 -14.88
CA THR B 115 -11.34 15.70 -14.19
C THR B 115 -10.10 14.82 -14.32
N TYR B 116 -10.26 13.49 -14.27
CA TYR B 116 -9.08 12.63 -14.32
C TYR B 116 -8.50 12.46 -15.71
N GLU B 117 -9.09 13.06 -16.75
CA GLU B 117 -8.71 12.71 -18.12
C GLU B 117 -7.22 12.95 -18.32
N GLY B 118 -6.58 12.03 -19.02
CA GLY B 118 -5.15 12.04 -19.25
C GLY B 118 -4.32 11.34 -18.20
N SER B 119 -4.90 10.95 -17.05
CA SER B 119 -4.08 10.37 -15.99
C SER B 119 -3.42 9.08 -16.42
N GLU B 120 -4.04 8.35 -17.35
CA GLU B 120 -3.44 7.11 -17.82
C GLU B 120 -2.24 7.37 -18.72
N GLU B 121 -2.23 8.48 -19.44
CA GLU B 121 -1.04 8.84 -20.20
C GLU B 121 0.01 9.54 -19.33
N TYR B 122 -0.42 10.32 -18.34
CA TYR B 122 0.56 11.02 -17.49
C TYR B 122 1.19 10.08 -16.47
N PHE B 123 0.41 9.20 -15.85
CA PHE B 123 0.82 8.49 -14.65
C PHE B 123 0.62 6.98 -14.76
N PRO B 124 1.21 6.32 -15.77
CA PRO B 124 1.10 4.84 -15.79
C PRO B 124 1.66 4.22 -14.52
N ASN B 125 2.74 4.79 -13.99
CA ASN B 125 3.22 4.58 -12.62
C ASN B 125 2.85 5.83 -11.83
N PRO B 126 1.82 5.76 -10.96
CA PRO B 126 1.37 6.97 -10.23
C PRO B 126 2.36 7.47 -9.22
N HIS B 127 3.41 6.71 -8.94
CA HIS B 127 4.49 7.20 -8.11
C HIS B 127 5.65 7.71 -8.91
N ASP B 128 5.46 7.91 -10.23
CA ASP B 128 6.42 8.61 -11.09
C ASP B 128 5.74 9.86 -11.65
N PRO B 129 5.44 10.85 -10.80
CA PRO B 129 4.58 11.96 -11.23
C PRO B 129 5.17 12.83 -12.32
N LEU B 130 6.48 12.83 -12.51
CA LEU B 130 7.10 13.70 -13.52
C LEU B 130 7.62 12.89 -14.71
N TRP B 131 7.07 11.69 -14.90
CA TRP B 131 7.48 10.86 -16.02
C TRP B 131 7.41 11.62 -17.34
N VAL B 132 6.34 12.40 -17.54
CA VAL B 132 6.13 13.09 -18.82
C VAL B 132 7.28 14.03 -19.13
N LEU B 133 7.94 14.55 -18.09
CA LEU B 133 9.01 15.51 -18.27
C LEU B 133 10.39 14.87 -18.22
N SER B 134 10.49 13.53 -18.14
CA SER B 134 11.76 12.85 -17.94
C SER B 134 12.51 12.72 -19.28
N ASP B 135 13.82 12.46 -19.19
CA ASP B 135 14.68 12.54 -20.39
C ASP B 135 14.35 11.51 -21.44
N ASP B 136 13.86 10.33 -21.04
CA ASP B 136 13.57 9.27 -21.98
C ASP B 136 12.08 9.02 -22.13
N PHE B 137 11.26 10.02 -21.80
CA PHE B 137 9.82 9.92 -22.05
C PHE B 137 9.57 9.60 -23.52
N ASP B 138 8.82 8.52 -23.76
CA ASP B 138 8.64 7.93 -25.08
C ASP B 138 7.26 8.20 -25.71
N GLY B 139 6.45 9.04 -25.11
CA GLY B 139 5.12 9.27 -25.64
C GLY B 139 5.11 10.40 -26.66
N PRO B 140 3.93 10.72 -27.17
CA PRO B 140 3.85 11.77 -28.20
C PRO B 140 4.03 13.16 -27.61
N ALA B 141 4.48 14.08 -28.45
CA ALA B 141 4.84 15.42 -28.00
C ALA B 141 3.64 16.18 -27.44
N GLU B 142 2.45 15.97 -28.00
CA GLU B 142 1.27 16.67 -27.54
C GLU B 142 0.92 16.30 -26.10
N VAL B 143 1.34 15.13 -25.63
CA VAL B 143 1.12 14.74 -24.24
C VAL B 143 1.91 15.68 -23.31
N ARG B 144 3.17 15.95 -23.65
CA ARG B 144 3.97 16.85 -22.84
C ARG B 144 3.36 18.25 -22.85
N GLU B 145 2.80 18.67 -23.98
CA GLU B 145 2.19 19.99 -24.04
C GLU B 145 0.90 20.05 -23.24
N ARG B 146 0.08 19.00 -23.30
CA ARG B 146 -1.15 19.02 -22.49
C ARG B 146 -0.81 18.99 -21.01
N PHE B 147 0.27 18.29 -20.65
CA PHE B 147 0.72 18.20 -19.26
C PHE B 147 1.09 19.57 -18.71
N LEU B 148 1.99 20.27 -19.39
CA LEU B 148 2.41 21.58 -18.91
C LEU B 148 1.22 22.53 -18.85
N SER B 149 0.30 22.41 -19.79
CA SER B 149 -0.87 23.27 -19.78
C SER B 149 -1.83 22.89 -18.65
N ASP B 150 -1.91 21.60 -18.29
CA ASP B 150 -2.79 21.23 -17.19
C ASP B 150 -2.29 21.81 -15.88
N ASP B 151 -0.99 22.00 -15.73
CA ASP B 151 -0.45 22.59 -14.51
C ASP B 151 -0.91 24.03 -14.31
N GLN B 152 -1.27 24.72 -15.39
CA GLN B 152 -1.75 26.10 -15.32
C GLN B 152 -3.26 26.20 -15.35
N THR B 153 -3.96 25.07 -15.26
CA THR B 153 -5.42 25.06 -15.26
C THR B 153 -5.92 24.61 -13.89
N ASN B 154 -7.03 25.21 -13.43
CA ASN B 154 -7.62 24.72 -12.19
C ASN B 154 -8.67 23.65 -12.49
N ALA B 155 -8.96 22.84 -11.47
CA ALA B 155 -9.81 21.67 -11.71
C ALA B 155 -11.26 22.05 -12.01
N ILE B 156 -11.73 23.21 -11.55
CA ILE B 156 -13.11 23.59 -11.84
C ILE B 156 -13.28 23.93 -13.31
N ASP B 157 -12.28 24.60 -13.89
CA ASP B 157 -12.37 24.99 -15.30
C ASP B 157 -12.39 23.77 -16.21
N LEU B 158 -11.74 22.67 -15.79
CA LEU B 158 -11.87 21.42 -16.55
C LEU B 158 -13.32 21.00 -16.65
N VAL B 159 -14.08 21.17 -15.57
CA VAL B 159 -15.48 20.78 -15.57
C VAL B 159 -16.33 21.81 -16.30
N LYS B 160 -16.05 23.11 -16.10
CA LYS B 160 -16.77 24.15 -16.85
C LYS B 160 -16.61 23.95 -18.34
N GLU B 161 -15.37 23.73 -18.80
CA GLU B 161 -15.08 23.54 -20.22
C GLU B 161 -15.78 22.32 -20.82
N ALA B 162 -16.12 21.31 -20.02
CA ALA B 162 -16.69 20.10 -20.58
C ALA B 162 -18.21 20.14 -20.70
N GLY B 163 -18.85 21.24 -20.33
CA GLY B 163 -20.27 21.40 -20.55
C GLY B 163 -21.18 20.90 -19.45
N PHE B 164 -20.66 20.68 -18.24
CA PHE B 164 -21.52 20.40 -17.10
C PHE B 164 -22.33 21.65 -16.72
N ASP B 165 -23.53 21.42 -16.17
CA ASP B 165 -24.39 22.54 -15.79
C ASP B 165 -23.88 23.19 -14.50
N GLN B 166 -24.60 24.26 -14.10
CA GLN B 166 -24.16 25.10 -12.99
C GLN B 166 -24.19 24.33 -11.66
N GLU B 167 -25.13 23.41 -11.51
CA GLU B 167 -25.20 22.61 -10.28
C GLU B 167 -23.93 21.78 -10.08
N THR B 168 -23.49 21.07 -11.11
CA THR B 168 -22.27 20.28 -11.00
C THR B 168 -21.04 21.16 -10.82
N ILE B 169 -21.04 22.35 -11.42
CA ILE B 169 -19.95 23.29 -11.23
C ILE B 169 -19.89 23.75 -9.77
N ASP B 170 -21.04 24.03 -9.16
CA ASP B 170 -21.06 24.43 -7.76
C ASP B 170 -20.66 23.29 -6.83
N LEU B 171 -20.97 22.05 -7.20
CA LEU B 171 -20.58 20.92 -6.35
C LEU B 171 -19.06 20.72 -6.39
N VAL B 172 -18.47 20.81 -7.58
CA VAL B 172 -17.03 20.59 -7.72
C VAL B 172 -16.27 21.77 -7.11
N ASP B 173 -16.85 22.97 -7.16
CA ASP B 173 -16.34 24.12 -6.42
C ASP B 173 -16.21 23.81 -4.93
N ALA B 174 -17.32 23.45 -4.31
CA ALA B 174 -17.32 23.07 -2.90
C ALA B 174 -16.32 21.94 -2.64
N PHE B 175 -16.39 20.87 -3.44
CA PHE B 175 -15.52 19.71 -3.24
C PHE B 175 -14.06 20.12 -3.20
N TRP B 176 -13.61 20.91 -4.19
CA TRP B 176 -12.20 21.24 -4.26
C TRP B 176 -11.83 22.39 -3.33
N CYS B 177 -12.81 23.11 -2.79
CA CYS B 177 -12.49 24.07 -1.74
C CYS B 177 -11.99 23.33 -0.51
N ALA B 178 -12.58 22.17 -0.25
CA ALA B 178 -12.07 21.26 0.77
C ALA B 178 -10.79 20.58 0.33
N GLY B 179 -10.78 20.05 -0.89
CA GLY B 179 -9.66 19.24 -1.35
C GLY B 179 -8.36 20.01 -1.40
N TYR B 180 -8.39 21.23 -1.93
CA TYR B 180 -7.21 22.05 -2.05
C TYR B 180 -6.98 22.94 -0.83
N ILE B 181 -7.79 22.74 0.21
CA ILE B 181 -7.73 23.49 1.47
C ILE B 181 -7.42 24.98 1.35
N GLY B 182 -8.17 25.66 0.49
CA GLY B 182 -7.98 27.08 0.25
C GLY B 182 -8.82 27.51 -0.94
N ASP B 183 -8.23 28.29 -1.84
CA ASP B 183 -8.95 28.72 -3.04
C ASP B 183 -8.70 27.77 -4.19
N PRO B 184 -9.71 27.03 -4.66
CA PRO B 184 -9.46 26.08 -5.75
C PRO B 184 -9.14 26.76 -7.08
N TYR B 185 -9.55 28.01 -7.27
CA TYR B 185 -9.29 28.65 -8.56
C TYR B 185 -7.81 28.99 -8.75
N THR B 186 -7.03 29.04 -7.68
CA THR B 186 -5.59 29.22 -7.83
C THR B 186 -4.83 27.90 -7.87
N GLY B 187 -5.51 26.76 -7.81
CA GLY B 187 -4.82 25.49 -7.71
C GLY B 187 -4.48 24.88 -9.06
N SER B 188 -3.51 23.96 -9.04
CA SER B 188 -3.11 23.24 -10.23
C SER B 188 -3.95 21.98 -10.38
N ALA B 189 -4.56 21.81 -11.55
CA ALA B 189 -5.40 20.64 -11.79
C ALA B 189 -4.62 19.34 -11.79
N LEU B 190 -3.31 19.39 -12.04
CA LEU B 190 -2.51 18.17 -12.05
C LEU B 190 -2.55 17.44 -10.70
N MET B 191 -2.74 18.18 -9.61
CA MET B 191 -2.88 17.52 -8.31
C MET B 191 -4.12 16.64 -8.28
N ALA B 192 -5.27 17.18 -8.72
CA ALA B 192 -6.48 16.36 -8.83
C ALA B 192 -6.26 15.13 -9.72
N LYS B 193 -5.56 15.31 -10.84
CA LYS B 193 -5.33 14.17 -11.73
C LYS B 193 -4.45 13.10 -11.07
N GLN B 194 -3.46 13.50 -10.26
CA GLN B 194 -2.63 12.48 -9.61
C GLN B 194 -3.39 11.78 -8.49
N TRP B 195 -4.32 12.47 -7.83
CA TRP B 195 -5.17 11.78 -6.87
C TRP B 195 -5.93 10.65 -7.54
N GLY B 196 -6.41 10.89 -8.77
CA GLY B 196 -7.13 9.85 -9.49
C GLY B 196 -6.25 8.64 -9.83
N ALA B 197 -5.08 8.90 -10.42
CA ALA B 197 -4.16 7.83 -10.76
C ALA B 197 -3.80 7.00 -9.53
N LEU B 198 -3.71 7.62 -8.36
CA LEU B 198 -3.40 6.87 -7.14
C LEU B 198 -4.60 6.09 -6.61
N SER B 199 -5.79 6.35 -7.13
CA SER B 199 -7.03 5.69 -6.71
C SER B 199 -7.70 4.94 -7.85
N ASP B 200 -6.90 4.31 -8.72
CA ASP B 200 -7.40 3.51 -9.85
C ASP B 200 -8.38 4.31 -10.72
N ASN B 201 -8.27 5.64 -10.70
CA ASN B 201 -9.05 6.51 -11.57
C ASN B 201 -10.54 6.36 -11.33
N ARG B 202 -10.94 6.10 -10.10
CA ARG B 202 -12.36 6.02 -9.78
C ARG B 202 -12.65 6.87 -8.56
N TYR B 203 -13.73 7.66 -8.65
CA TYR B 203 -14.07 8.58 -7.58
C TYR B 203 -14.30 7.86 -6.25
N ARG B 204 -14.99 6.72 -6.27
CA ARG B 204 -15.30 6.07 -4.99
C ARG B 204 -14.04 5.52 -4.32
N VAL B 205 -13.05 5.10 -5.10
CA VAL B 205 -11.77 4.67 -4.51
C VAL B 205 -11.04 5.85 -3.90
N MET B 206 -11.02 7.00 -4.59
CA MET B 206 -10.40 8.20 -4.03
C MET B 206 -11.04 8.57 -2.71
N GLU B 207 -12.37 8.47 -2.62
CA GLU B 207 -13.04 8.79 -1.36
C GLU B 207 -12.77 7.72 -0.30
N ASP B 208 -12.75 6.45 -0.70
CA ASP B 208 -12.42 5.37 0.24
C ASP B 208 -11.03 5.56 0.85
N ILE B 209 -10.08 6.05 0.06
CA ILE B 209 -8.71 6.15 0.52
C ILE B 209 -8.54 7.31 1.49
N THR B 210 -9.20 8.44 1.22
CA THR B 210 -8.95 9.67 1.94
C THR B 210 -10.02 10.09 2.93
N LEU B 211 -11.22 9.49 2.92
CA LEU B 211 -12.29 10.09 3.70
C LEU B 211 -13.21 9.06 4.33
N LYS B 212 -12.72 7.84 4.58
CA LYS B 212 -13.58 6.79 5.11
C LYS B 212 -13.08 6.22 6.44
N TRP B 213 -11.89 5.60 6.48
CA TRP B 213 -11.49 4.79 7.62
C TRP B 213 -10.73 5.62 8.64
N LYS B 214 -11.23 5.65 9.87
CA LYS B 214 -10.61 6.41 10.96
C LYS B 214 -9.91 5.46 11.93
N LEU B 215 -8.82 5.93 12.51
CA LEU B 215 -8.08 5.18 13.52
C LEU B 215 -8.77 5.31 14.87
N ASN B 216 -9.23 4.18 15.41
CA ASN B 216 -9.91 4.17 16.70
C ASN B 216 -9.09 4.89 17.76
N ASN B 217 -7.78 4.68 17.76
CA ASN B 217 -6.89 5.26 18.75
C ASN B 217 -6.17 6.49 18.22
N GLY B 218 -6.54 6.97 17.05
CA GLY B 218 -6.03 8.23 16.55
C GLY B 218 -4.63 8.12 15.99
N MET B 219 -4.23 9.17 15.27
CA MET B 219 -2.89 9.26 14.73
C MET B 219 -1.83 9.12 15.81
N ARG B 220 -2.13 9.54 17.05
CA ARG B 220 -1.12 9.48 18.08
C ARG B 220 -0.74 8.05 18.41
N SER B 221 -1.61 7.06 18.17
CA SER B 221 -1.18 5.67 18.32
C SER B 221 -0.05 5.33 17.36
N LEU B 222 0.03 6.01 16.23
CA LEU B 222 1.13 5.77 15.30
C LEU B 222 2.35 6.63 15.64
N TYR B 223 2.17 7.94 15.86
CA TYR B 223 3.35 8.76 16.06
C TYR B 223 3.97 8.55 17.44
N ASP B 224 3.16 8.20 18.46
CA ASP B 224 3.76 7.72 19.70
C ASP B 224 4.41 6.35 19.53
N GLY B 225 3.90 5.51 18.62
CA GLY B 225 4.56 4.24 18.39
C GLY B 225 5.98 4.44 17.88
N ILE B 226 6.14 5.26 16.84
CA ILE B 226 7.45 5.48 16.25
C ILE B 226 8.38 6.12 17.27
N ALA B 227 7.93 7.17 17.95
CA ALA B 227 8.75 7.81 18.98
C ALA B 227 9.16 6.82 20.06
N GLY B 228 8.29 5.88 20.39
CA GLY B 228 8.62 4.86 21.38
C GLY B 228 9.73 3.91 20.96
N ASP B 229 10.02 3.81 19.67
CA ASP B 229 11.13 2.96 19.19
C ASP B 229 12.49 3.65 19.23
N LEU B 230 12.53 4.98 19.35
CA LEU B 230 13.78 5.72 19.27
C LEU B 230 14.62 5.56 20.55
N ASN B 231 15.93 5.36 20.36
CA ASN B 231 16.84 5.21 21.49
C ASN B 231 17.49 6.53 21.90
N THR B 232 17.18 7.62 21.22
CA THR B 232 17.67 8.96 21.56
C THR B 232 16.48 9.84 21.91
N ASP B 233 16.69 10.76 22.86
CA ASP B 233 15.61 11.61 23.32
C ASP B 233 15.33 12.72 22.31
N ILE B 234 14.07 13.09 22.18
CA ILE B 234 13.69 14.24 21.37
C ILE B 234 13.79 15.49 22.22
N ARG B 235 14.44 16.52 21.69
CA ARG B 235 14.57 17.80 22.39
C ARG B 235 13.36 18.67 22.07
N LEU B 236 12.34 18.58 22.91
CA LEU B 236 11.20 19.46 22.79
C LEU B 236 11.60 20.89 23.13
N ASN B 237 10.69 21.82 22.80
CA ASN B 237 10.85 23.24 23.09
C ASN B 237 12.21 23.77 22.63
N THR B 238 12.68 23.30 21.48
CA THR B 238 13.99 23.66 20.94
C THR B 238 13.86 24.08 19.48
N PRO B 239 13.27 25.25 19.22
CA PRO B 239 13.17 25.73 17.83
C PRO B 239 14.54 25.99 17.23
N VAL B 240 14.67 25.70 15.95
CA VAL B 240 15.88 26.03 15.22
C VAL B 240 15.70 27.43 14.65
N ALA B 241 16.78 28.20 14.69
CA ALA B 241 16.74 29.53 14.12
C ALA B 241 17.76 29.73 13.02
N LYS B 242 18.85 28.96 12.98
CA LYS B 242 19.76 29.16 11.87
C LYS B 242 20.28 27.81 11.40
N VAL B 243 20.62 27.75 10.12
CA VAL B 243 21.16 26.55 9.49
C VAL B 243 22.24 27.00 8.50
N GLU B 244 23.47 26.57 8.73
CA GLU B 244 24.56 26.78 7.78
C GLU B 244 24.94 25.42 7.24
N HIS B 245 25.23 25.35 5.95
CA HIS B 245 25.60 24.08 5.33
C HIS B 245 26.55 24.27 4.15
N GLY B 249 30.20 20.05 6.64
CA GLY B 249 29.30 19.84 7.76
C GLY B 249 28.19 20.87 7.84
N ALA B 250 27.27 20.66 8.78
CA ALA B 250 26.16 21.57 8.97
C ALA B 250 26.29 22.19 10.34
N THR B 251 25.80 23.41 10.49
CA THR B 251 25.77 24.10 11.78
C THR B 251 24.38 24.63 12.03
N VAL B 252 23.73 24.15 13.09
CA VAL B 252 22.39 24.58 13.46
C VAL B 252 22.44 25.39 14.75
N THR B 253 21.73 26.53 14.78
CA THR B 253 21.60 27.36 15.98
C THR B 253 20.14 27.46 16.40
N THR B 254 19.88 27.24 17.71
CA THR B 254 18.51 27.26 18.23
C THR B 254 18.06 28.69 18.50
N GLU B 255 16.85 28.85 19.04
CA GLU B 255 16.38 30.16 19.47
C GLU B 255 17.17 30.69 20.66
N SER B 256 17.57 29.79 21.57
CA SER B 256 18.35 30.13 22.75
C SER B 256 19.81 30.49 22.45
N GLY B 257 20.25 30.47 21.20
CA GLY B 257 21.63 30.74 20.89
C GLY B 257 22.50 29.50 20.77
N GLU B 258 22.04 28.38 21.33
CA GLU B 258 22.87 27.18 21.41
C GLU B 258 23.20 26.63 20.04
N VAL B 259 24.47 26.31 19.84
CA VAL B 259 24.99 25.92 18.53
C VAL B 259 25.21 24.41 18.54
N ILE B 260 24.90 23.77 17.40
CA ILE B 260 25.00 22.32 17.26
C ILE B 260 25.57 22.02 15.88
N GLU B 261 26.67 21.26 15.85
CA GLU B 261 27.37 20.85 14.64
C GLU B 261 26.84 19.50 14.15
N ALA B 262 26.87 19.30 12.84
CA ALA B 262 26.31 18.07 12.29
C ALA B 262 26.91 17.75 10.94
N SER B 263 26.80 16.46 10.61
CA SER B 263 27.15 16.00 9.28
C SER B 263 26.11 16.42 8.26
N ALA B 264 24.83 16.36 8.64
CA ALA B 264 23.73 16.62 7.72
C ALA B 264 22.51 17.11 8.49
N VAL B 265 21.66 17.84 7.79
CA VAL B 265 20.41 18.35 8.37
C VAL B 265 19.25 17.82 7.53
N ILE B 266 18.29 17.19 8.20
CA ILE B 266 17.02 16.82 7.59
C ILE B 266 16.00 17.80 8.17
N CYS B 267 15.52 18.71 7.34
CA CYS B 267 14.61 19.77 7.76
C CYS B 267 13.19 19.46 7.31
N THR B 268 12.28 19.24 8.27
CA THR B 268 10.90 18.92 7.96
C THR B 268 9.94 20.09 8.21
N VAL B 269 10.46 21.27 8.48
CA VAL B 269 9.61 22.45 8.70
C VAL B 269 8.83 22.74 7.43
N PRO B 270 7.51 22.89 7.50
CA PRO B 270 6.72 23.17 6.29
C PRO B 270 7.04 24.53 5.67
N VAL B 271 6.74 24.65 4.37
CA VAL B 271 6.98 25.90 3.63
C VAL B 271 6.35 27.09 4.34
N GLY B 272 5.16 26.92 4.90
CA GLY B 272 4.53 28.05 5.56
C GLY B 272 5.26 28.57 6.79
N ALA B 273 6.25 27.84 7.29
CA ALA B 273 6.96 28.24 8.49
C ALA B 273 8.48 28.33 8.29
N LEU B 274 8.96 28.20 7.05
CA LEU B 274 10.40 28.28 6.80
C LEU B 274 10.96 29.67 7.01
N SER B 275 10.11 30.71 6.98
CA SER B 275 10.55 32.08 7.19
C SER B 275 11.01 32.34 8.62
N ASN B 276 10.89 31.36 9.53
CA ASN B 276 11.47 31.45 10.86
C ASN B 276 12.93 31.00 10.92
N ILE B 277 13.49 30.45 9.83
CA ILE B 277 14.85 29.93 9.80
C ILE B 277 15.67 30.74 8.81
N GLU B 278 16.87 31.14 9.22
CA GLU B 278 17.85 31.74 8.31
C GLU B 278 18.79 30.67 7.78
N PHE B 279 18.97 30.64 6.47
CA PHE B 279 19.84 29.68 5.83
C PHE B 279 21.07 30.39 5.27
N SER B 280 22.23 29.74 5.40
CA SER B 280 23.47 30.28 4.88
C SER B 280 24.36 29.15 4.39
N PRO B 281 24.65 29.09 3.08
CA PRO B 281 24.16 30.08 2.11
C PRO B 281 22.64 30.04 1.90
N ALA B 282 22.11 31.10 1.30
CA ALA B 282 20.68 31.16 1.06
C ALA B 282 20.25 30.05 0.10
N LEU B 283 19.01 29.60 0.27
CA LEU B 283 18.46 28.57 -0.59
C LEU B 283 18.39 29.07 -2.03
N PRO B 284 18.48 28.17 -3.00
CA PRO B 284 18.38 28.59 -4.41
C PRO B 284 17.18 29.47 -4.73
N ASP B 285 17.32 30.21 -5.81
CA ASP B 285 16.31 31.19 -6.21
C ASP B 285 14.95 30.52 -6.44
N ALA B 286 14.91 29.44 -7.22
CA ALA B 286 13.62 28.84 -7.55
C ALA B 286 12.92 28.27 -6.33
N VAL B 287 13.69 27.80 -5.34
CA VAL B 287 13.12 27.33 -4.08
C VAL B 287 12.56 28.49 -3.28
N GLN B 288 13.28 29.62 -3.26
CA GLN B 288 12.82 30.76 -2.49
C GLN B 288 11.49 31.28 -3.01
N SER B 289 11.23 31.16 -4.32
CA SER B 289 9.99 31.68 -4.87
C SER B 289 8.78 30.86 -4.43
N VAL B 290 8.95 29.56 -4.17
CA VAL B 290 7.85 28.75 -3.65
C VAL B 290 7.55 29.16 -2.22
N ILE B 291 8.59 29.38 -1.41
CA ILE B 291 8.41 29.84 -0.05
C ILE B 291 7.71 31.19 -0.04
N ASP B 292 8.10 32.09 -0.96
CA ASP B 292 7.43 33.38 -1.04
C ASP B 292 5.99 33.20 -1.49
N ASP B 293 5.78 32.30 -2.43
CA ASP B 293 4.44 32.00 -2.93
C ASP B 293 3.75 31.03 -1.97
N LYS B 294 4.55 30.35 -1.15
CA LYS B 294 4.08 29.39 -0.15
C LYS B 294 3.19 28.28 -0.71
N TRP B 295 2.24 27.82 0.12
CA TRP B 295 1.32 26.77 -0.27
C TRP B 295 -0.07 27.34 -0.54
N ASN B 296 -0.85 26.62 -1.35
CA ASN B 296 -2.20 27.06 -1.67
C ASN B 296 -3.19 26.59 -0.60
N SER B 297 -2.66 26.14 0.54
CA SER B 297 -3.51 25.66 1.64
C SER B 297 -3.62 26.65 2.80
N GLN B 298 -4.49 27.65 2.63
CA GLN B 298 -4.79 28.55 3.73
C GLN B 298 -6.22 28.52 4.18
N GLY B 299 -6.86 27.35 4.07
CA GLY B 299 -8.18 27.11 4.63
C GLY B 299 -8.08 26.56 6.03
N ALA B 300 -9.15 25.89 6.48
CA ALA B 300 -9.24 25.50 7.89
C ALA B 300 -10.17 24.30 8.09
N LYS B 301 -9.96 23.60 9.22
CA LYS B 301 -10.77 22.45 9.60
C LYS B 301 -11.43 22.73 10.94
N ILE B 302 -12.75 22.50 11.02
CA ILE B 302 -13.54 22.81 12.21
C ILE B 302 -14.27 21.56 12.70
N TRP B 303 -14.53 21.52 14.00
CA TRP B 303 -15.40 20.54 14.63
C TRP B 303 -16.58 21.26 15.28
N ILE B 304 -17.80 20.87 14.92
CA ILE B 304 -19.00 21.53 15.41
C ILE B 304 -19.88 20.51 16.10
N LYS B 305 -20.38 20.83 17.30
CA LYS B 305 -21.32 19.98 18.02
C LYS B 305 -22.71 20.62 18.00
N ILE B 306 -23.71 19.84 17.61
CA ILE B 306 -25.09 20.32 17.55
C ILE B 306 -25.95 19.46 18.47
N LYS B 307 -27.18 19.95 18.71
CA LYS B 307 -28.19 19.28 19.54
C LYS B 307 -28.85 18.13 18.79
N GLY B 308 -29.03 17.01 19.47
CA GLY B 308 -29.69 15.88 18.84
C GLY B 308 -28.75 15.02 18.01
N HIS B 309 -29.33 13.97 17.43
CA HIS B 309 -28.61 13.02 16.57
C HIS B 309 -29.03 13.27 15.13
N HIS B 310 -28.10 13.75 14.30
CA HIS B 310 -28.42 14.05 12.91
C HIS B 310 -27.33 13.55 11.96
N ARG B 311 -27.73 12.82 10.92
CA ARG B 311 -26.83 12.39 9.87
C ARG B 311 -26.92 13.39 8.71
N PHE B 312 -25.89 14.21 8.57
CA PHE B 312 -25.95 15.38 7.70
C PHE B 312 -24.71 15.44 6.83
N LEU B 313 -24.90 15.89 5.59
CA LEU B 313 -23.82 16.14 4.66
C LEU B 313 -24.18 17.41 3.89
N GLY B 314 -23.26 18.38 3.85
CA GLY B 314 -23.52 19.66 3.20
C GLY B 314 -22.40 20.18 2.31
N TYR B 315 -22.74 20.66 1.12
CA TYR B 315 -21.78 21.22 0.19
C TYR B 315 -22.17 22.68 -0.13
N ALA B 316 -21.19 23.57 -0.12
CA ALA B 316 -21.42 24.98 -0.43
C ALA B 316 -20.18 25.55 -1.08
N PRO B 317 -20.32 26.32 -2.16
CA PRO B 317 -19.16 26.78 -2.91
C PRO B 317 -18.54 28.03 -2.31
N LYS B 318 -17.37 28.37 -2.84
CA LYS B 318 -16.70 29.59 -2.43
C LYS B 318 -17.63 30.76 -2.66
N PRO B 319 -17.69 31.74 -1.74
CA PRO B 319 -16.82 31.97 -0.59
C PRO B 319 -17.39 31.59 0.76
N ALA B 320 -18.24 30.57 0.83
CA ALA B 320 -18.82 30.16 2.09
C ALA B 320 -17.76 29.96 3.18
N LYS B 321 -18.16 30.00 4.46
CA LYS B 321 -17.20 29.78 5.54
C LYS B 321 -16.73 28.33 5.60
N MET B 322 -17.62 27.37 5.32
CA MET B 322 -17.25 25.96 5.19
C MET B 322 -17.87 25.40 3.92
N SER B 323 -17.08 24.63 3.17
CA SER B 323 -17.53 24.10 1.89
C SER B 323 -18.05 22.66 1.95
N VAL B 324 -17.53 21.84 2.86
CA VAL B 324 -18.01 20.46 3.07
C VAL B 324 -18.12 20.22 4.57
N VAL B 325 -19.31 19.79 5.02
CA VAL B 325 -19.59 19.52 6.42
C VAL B 325 -20.31 18.17 6.49
N ARG B 326 -19.90 17.31 7.44
CA ARG B 326 -20.40 15.94 7.48
C ARG B 326 -20.46 15.45 8.93
N SER B 327 -21.50 14.67 9.27
CA SER B 327 -21.57 14.08 10.60
C SER B 327 -20.51 13.00 10.80
N GLU B 328 -20.01 12.91 12.00
CA GLU B 328 -18.93 11.98 12.32
C GLU B 328 -19.17 11.22 13.61
N TYR B 329 -19.75 11.85 14.63
CA TYR B 329 -19.92 11.16 15.91
C TYR B 329 -21.30 11.47 16.47
N PHE B 330 -21.97 10.45 16.96
CA PHE B 330 -23.26 10.58 17.65
C PHE B 330 -22.99 10.31 19.12
N MET B 331 -23.09 11.36 19.94
CA MET B 331 -22.67 11.34 21.32
C MET B 331 -23.78 10.83 22.23
N ASP B 332 -23.36 10.36 23.40
CA ASP B 332 -24.28 9.73 24.34
C ASP B 332 -25.15 10.73 25.09
N ASP B 333 -24.86 12.02 25.00
CA ASP B 333 -25.73 13.03 25.58
C ASP B 333 -26.66 13.65 24.54
N ASP B 334 -27.00 12.91 23.49
CA ASP B 334 -27.91 13.39 22.44
C ASP B 334 -27.38 14.66 21.77
N THR B 335 -26.15 14.56 21.27
CA THR B 335 -25.57 15.59 20.42
C THR B 335 -24.77 14.91 19.30
N THR B 336 -24.43 15.68 18.28
CA THR B 336 -23.66 15.19 17.14
C THR B 336 -22.46 16.09 16.89
N ILE B 337 -21.31 15.49 16.64
CA ILE B 337 -20.11 16.24 16.26
C ILE B 337 -19.93 16.08 14.76
N LEU B 338 -19.84 17.20 14.05
CA LEU B 338 -19.61 17.21 12.62
C LEU B 338 -18.20 17.71 12.33
N VAL B 339 -17.66 17.35 11.17
CA VAL B 339 -16.39 17.90 10.71
C VAL B 339 -16.68 18.82 9.54
N GLY B 340 -15.83 19.83 9.36
CA GLY B 340 -15.99 20.74 8.24
C GLY B 340 -14.66 21.25 7.74
N PHE B 341 -14.60 21.52 6.43
CA PHE B 341 -13.41 22.05 5.76
C PHE B 341 -13.81 23.30 5.00
N GLY B 342 -12.96 24.34 5.08
CA GLY B 342 -13.27 25.64 4.49
C GLY B 342 -12.05 26.24 3.82
N TYR B 343 -12.29 27.13 2.85
CA TYR B 343 -11.22 27.55 1.95
C TYR B 343 -10.37 28.71 2.48
N ASP B 344 -10.84 29.42 3.49
CA ASP B 344 -10.24 30.70 3.92
C ASP B 344 -10.28 30.80 5.44
N ASN B 345 -9.13 30.57 6.09
CA ASN B 345 -9.08 30.56 7.54
C ASN B 345 -9.37 31.94 8.15
N THR B 346 -9.14 33.02 7.41
CA THR B 346 -9.35 34.32 8.04
C THR B 346 -10.81 34.73 8.11
N ASN B 347 -11.73 33.93 7.57
CA ASN B 347 -13.15 34.29 7.59
C ASN B 347 -13.96 33.45 8.55
N ILE B 348 -13.30 32.68 9.42
CA ILE B 348 -14.04 31.93 10.42
C ILE B 348 -13.19 31.81 11.67
N ASP B 349 -13.83 32.08 12.80
CA ASP B 349 -13.25 31.85 14.11
C ASP B 349 -13.70 30.45 14.50
N LEU B 350 -12.74 29.52 14.56
CA LEU B 350 -13.09 28.12 14.79
C LEU B 350 -13.65 27.88 16.17
N ASN B 351 -13.51 28.83 17.10
CA ASN B 351 -14.03 28.64 18.45
C ASN B 351 -15.23 29.53 18.74
N SER B 352 -15.85 30.07 17.71
CA SER B 352 -16.98 30.97 17.86
C SER B 352 -18.27 30.22 17.62
N ILE B 353 -19.10 30.13 18.66
CA ILE B 353 -20.40 29.50 18.46
C ILE B 353 -21.24 30.32 17.47
N GLU B 354 -21.09 31.65 17.46
CA GLU B 354 -21.81 32.44 16.44
C GLU B 354 -21.36 32.02 15.03
N ASP B 355 -20.05 31.95 14.80
CA ASP B 355 -19.54 31.60 13.47
C ASP B 355 -19.94 30.17 13.07
N ALA B 356 -19.90 29.23 14.02
CA ALA B 356 -20.27 27.86 13.70
C ALA B 356 -21.75 27.77 13.35
N GLN B 357 -22.59 28.55 14.04
CA GLN B 357 -24.01 28.57 13.73
C GLN B 357 -24.25 29.13 12.33
N ALA B 358 -23.46 30.12 11.93
CA ALA B 358 -23.60 30.65 10.57
C ALA B 358 -23.25 29.59 9.54
N VAL B 359 -22.29 28.71 9.85
CA VAL B 359 -21.96 27.63 8.93
C VAL B 359 -23.15 26.69 8.79
N ILE B 360 -23.71 26.21 9.91
CA ILE B 360 -24.85 25.31 9.81
C ILE B 360 -26.02 26.02 9.10
N ASN B 361 -26.18 27.33 9.34
CA ASN B 361 -27.25 28.06 8.68
C ASN B 361 -27.08 28.18 7.17
N GLN B 362 -25.93 27.80 6.62
CA GLN B 362 -25.82 27.74 5.16
C GLN B 362 -26.85 26.79 4.54
N TRP B 363 -27.22 25.74 5.26
CA TRP B 363 -28.15 24.77 4.71
C TRP B 363 -29.44 24.64 5.50
N ARG B 364 -29.42 24.82 6.82
CA ARG B 364 -30.57 24.52 7.66
C ARG B 364 -30.90 25.68 8.61
N ASP B 365 -32.18 25.79 8.93
CA ASP B 365 -32.70 26.73 9.92
C ASP B 365 -33.14 26.01 11.18
N ASP B 366 -32.95 24.70 11.24
CA ASP B 366 -33.56 23.92 12.30
C ASP B 366 -32.55 23.25 13.23
N LEU B 367 -31.25 23.47 13.02
CA LEU B 367 -30.22 22.83 13.83
C LEU B 367 -29.53 23.86 14.71
N GLU B 368 -29.21 23.46 15.94
CA GLU B 368 -28.74 24.35 16.99
C GLU B 368 -27.32 23.98 17.42
N VAL B 369 -26.38 24.89 17.19
CA VAL B 369 -24.99 24.70 17.60
C VAL B 369 -24.86 24.94 19.10
N VAL B 370 -24.23 23.99 19.80
CA VAL B 370 -23.98 24.10 21.23
C VAL B 370 -22.50 24.18 21.58
N ASP B 371 -21.59 23.74 20.69
CA ASP B 371 -20.16 23.85 20.94
C ASP B 371 -19.44 23.88 19.59
N THR B 372 -18.15 24.24 19.62
CA THR B 372 -17.35 24.26 18.40
C THR B 372 -15.88 24.44 18.78
N THR B 373 -15.00 23.89 17.96
CA THR B 373 -13.57 24.07 18.21
C THR B 373 -12.76 23.78 16.95
N GLY B 374 -11.49 24.20 17.00
CA GLY B 374 -10.57 23.97 15.91
C GLY B 374 -9.22 24.59 16.23
N HIS B 375 -8.22 24.22 15.42
CA HIS B 375 -6.86 24.76 15.54
C HIS B 375 -6.49 25.40 14.22
N ASN B 376 -6.19 26.69 14.24
CA ASN B 376 -5.94 27.42 12.99
C ASN B 376 -4.48 27.20 12.63
N TRP B 377 -4.21 26.12 11.87
CA TRP B 377 -2.86 25.76 11.46
C TRP B 377 -2.16 26.88 10.71
N VAL B 378 -2.92 27.69 9.95
CA VAL B 378 -2.31 28.77 9.18
C VAL B 378 -1.70 29.83 10.11
N ALA B 379 -2.40 30.20 11.18
CA ALA B 379 -1.93 31.16 12.16
C ALA B 379 -1.00 30.54 13.20
N ASP B 380 -0.68 29.25 13.06
CA ASP B 380 0.22 28.53 13.96
C ASP B 380 1.64 28.79 13.47
N LYS B 381 2.47 29.41 14.33
CA LYS B 381 3.81 29.87 13.93
C LYS B 381 4.68 28.77 13.33
N TRP B 382 4.48 27.51 13.72
CA TRP B 382 5.31 26.40 13.27
C TRP B 382 4.65 25.58 12.17
N ALA B 383 3.58 26.08 11.57
CA ALA B 383 2.91 25.40 10.47
C ALA B 383 2.73 26.41 9.36
N GLY B 384 1.93 27.43 9.62
CA GLY B 384 1.72 28.47 8.63
C GLY B 384 0.93 28.02 7.43
N GLN B 385 0.33 26.85 7.51
CA GLN B 385 -0.44 26.22 6.45
C GLN B 385 -1.15 25.00 7.00
N ALA B 386 -2.06 24.45 6.23
CA ALA B 386 -2.71 23.21 6.63
C ALA B 386 -1.95 22.08 5.92
N TRP B 387 -2.63 21.20 5.18
CA TRP B 387 -1.90 20.19 4.44
C TRP B 387 -1.51 20.79 3.11
N GLY B 388 -0.32 20.48 2.64
CA GLY B 388 0.15 21.06 1.42
C GLY B 388 -0.64 20.74 0.20
N THR B 389 -0.99 21.75 -0.57
CA THR B 389 -1.69 21.60 -1.84
C THR B 389 -1.05 22.58 -2.84
N LEU B 390 -1.28 22.34 -4.13
CA LEU B 390 -0.49 22.99 -5.16
C LEU B 390 -1.26 24.14 -5.81
N ARG B 391 -0.60 25.29 -5.95
CA ARG B 391 -1.07 26.33 -6.83
C ARG B 391 -0.64 26.02 -8.25
N LYS B 392 -1.26 26.72 -9.20
CA LYS B 392 -0.88 26.59 -10.61
C LYS B 392 0.65 26.65 -10.74
N GLY B 393 1.20 25.76 -11.57
CA GLY B 393 2.62 25.77 -11.81
C GLY B 393 3.47 25.02 -10.80
N GLN B 394 2.93 24.67 -9.63
CA GLN B 394 3.75 24.02 -8.60
C GLN B 394 3.79 22.49 -8.72
N PHE B 395 3.00 21.85 -9.60
CA PHE B 395 3.20 20.41 -9.83
C PHE B 395 4.54 20.15 -10.51
N THR B 396 4.87 20.97 -11.50
CA THR B 396 6.09 20.80 -12.27
C THR B 396 7.23 21.73 -11.85
N GLN B 397 6.94 22.89 -11.25
CA GLN B 397 7.98 23.78 -10.76
C GLN B 397 7.68 24.17 -9.31
N GLY B 398 7.53 23.17 -8.45
CA GLY B 398 7.19 23.43 -7.07
C GLY B 398 7.79 22.45 -6.11
N TRP B 399 7.02 21.41 -5.76
CA TRP B 399 7.41 20.49 -4.71
C TRP B 399 8.71 19.75 -5.04
N SER B 400 9.00 19.52 -6.33
CA SER B 400 10.15 18.69 -6.68
C SER B 400 11.47 19.45 -6.64
N LEU B 401 11.42 20.78 -6.49
CA LEU B 401 12.60 21.65 -6.44
C LEU B 401 13.36 21.53 -5.12
N PHE B 402 12.74 20.97 -4.09
CA PHE B 402 13.34 20.91 -2.77
C PHE B 402 14.33 19.76 -2.61
N ASP B 403 14.49 18.94 -3.62
CA ASP B 403 15.40 17.84 -3.51
C ASP B 403 16.77 18.23 -3.94
N ILE B 405 19.80 17.19 -4.41
CA ILE B 405 20.19 18.33 -5.23
C ILE B 405 20.17 19.66 -4.47
N ASP B 406 20.91 19.66 -3.37
CA ASP B 406 21.16 20.79 -2.51
C ASP B 406 22.61 20.65 -2.04
N SER B 407 22.86 20.03 -0.88
CA SER B 407 24.20 19.87 -0.28
C SER B 407 24.14 18.87 0.90
N GLN B 408 24.51 19.32 2.13
CA GLN B 408 24.36 18.55 3.35
C GLN B 408 22.97 18.73 3.96
N LEU B 409 22.24 19.71 3.43
CA LEU B 409 20.89 19.98 3.91
C LEU B 409 19.86 19.25 3.06
N PHE B 410 18.97 18.51 3.71
CA PHE B 410 17.94 17.76 3.00
C PHE B 410 16.53 18.07 3.50
N PHE B 411 15.64 18.37 2.57
CA PHE B 411 14.26 18.68 2.89
C PHE B 411 13.43 17.41 2.82
N ALA B 412 12.78 17.07 3.94
CA ALA B 412 11.90 15.93 4.01
C ALA B 412 10.53 16.41 4.50
N GLY B 413 9.48 15.74 4.06
CA GLY B 413 8.15 16.13 4.47
C GLY B 413 7.11 15.67 3.48
N SER B 414 5.87 15.62 3.96
CA SER B 414 4.81 15.11 3.10
C SER B 414 4.60 16.03 1.91
N ASP B 415 4.92 17.32 2.07
CA ASP B 415 4.74 18.27 0.97
C ASP B 415 5.70 18.05 -0.19
N TYR B 416 6.72 17.19 -0.04
CA TYR B 416 7.68 16.91 -1.11
C TYR B 416 7.61 15.46 -1.60
N ALA B 417 6.57 14.70 -1.24
CA ALA B 417 6.52 13.28 -1.59
C ALA B 417 6.19 13.07 -3.06
N TYR B 418 6.59 11.90 -3.58
CA TYR B 418 6.20 11.51 -4.93
C TYR B 418 4.76 11.06 -5.00
N GLY B 419 4.24 10.46 -3.92
CA GLY B 419 2.93 9.84 -3.99
C GLY B 419 1.80 10.69 -3.45
N TRP B 420 1.30 10.32 -2.27
CA TRP B 420 0.18 11.04 -1.66
C TRP B 420 0.73 12.30 -1.00
N ARG B 421 1.08 13.27 -1.85
CA ARG B 421 1.80 14.46 -1.41
C ARG B 421 0.93 15.43 -0.61
N GLY B 422 1.43 15.86 0.55
CA GLY B 422 0.83 16.93 1.34
C GLY B 422 -0.42 16.52 2.06
N VAL B 423 -1.39 16.01 1.29
CA VAL B 423 -2.70 15.71 1.86
C VAL B 423 -2.72 14.48 2.76
N CYS B 424 -1.66 13.67 2.78
CA CYS B 424 -1.76 12.38 3.48
C CYS B 424 -0.58 12.13 4.41
N VAL B 425 -0.85 11.47 5.56
CA VAL B 425 0.29 11.05 6.40
C VAL B 425 1.22 10.16 5.60
N ASP B 426 0.67 9.40 4.66
CA ASP B 426 1.44 8.51 3.81
C ASP B 426 2.60 9.25 3.15
N GLY B 427 2.36 10.48 2.71
CA GLY B 427 3.43 11.23 2.07
C GLY B 427 4.54 11.56 3.02
N ALA B 428 4.22 11.83 4.28
CA ALA B 428 5.26 12.15 5.25
C ALA B 428 6.11 10.92 5.54
N LEU B 429 5.48 9.74 5.63
CA LEU B 429 6.24 8.52 5.93
C LEU B 429 7.12 8.10 4.76
N GLU B 430 6.61 8.25 3.53
CA GLU B 430 7.42 7.97 2.36
C GLU B 430 8.65 8.86 2.33
N LYS B 431 8.44 10.19 2.43
CA LYS B 431 9.53 11.12 2.17
C LYS B 431 10.52 11.19 3.32
N GLY B 432 10.06 11.03 4.56
CA GLY B 432 10.99 10.93 5.66
C GLY B 432 11.87 9.70 5.57
N MET B 433 11.27 8.55 5.23
CA MET B 433 12.07 7.33 5.11
C MET B 433 13.07 7.41 3.96
N THR B 434 12.65 7.90 2.79
CA THR B 434 13.57 7.85 1.66
C THR B 434 14.68 8.92 1.76
N THR B 435 14.38 10.08 2.36
CA THR B 435 15.41 11.09 2.61
C THR B 435 16.49 10.56 3.54
N ALA B 436 16.08 9.83 4.59
CA ALA B 436 17.05 9.08 5.39
C ALA B 436 17.91 8.15 4.55
N ARG B 437 17.34 7.49 3.53
CA ARG B 437 18.15 6.61 2.68
C ARG B 437 19.16 7.40 1.86
N GLN B 438 18.77 8.61 1.42
CA GLN B 438 19.76 9.48 0.77
C GLN B 438 20.94 9.75 1.68
N VAL B 439 20.67 10.00 2.96
CA VAL B 439 21.75 10.25 3.90
C VAL B 439 22.52 8.97 4.18
N ILE B 440 21.82 7.83 4.23
CA ILE B 440 22.50 6.56 4.44
C ILE B 440 23.39 6.22 3.24
N ASN B 441 22.88 6.44 2.04
CA ASN B 441 23.63 6.07 0.84
C ASN B 441 24.92 6.88 0.73
N SER B 442 24.84 8.19 0.93
CA SER B 442 26.04 9.01 0.79
C SER B 442 27.11 8.61 1.81
N MET B 443 26.69 8.30 3.03
CA MET B 443 27.69 7.92 4.02
C MET B 443 28.31 6.56 3.77
N ARG B 444 27.79 5.77 2.84
CA ARG B 444 28.35 4.45 2.60
C ARG B 444 29.28 4.42 1.37
C2 OTS C . -0.64 -16.41 -10.94
C3 OTS C . -1.66 -16.76 -11.81
C4 OTS C . -2.95 -16.36 -11.57
O4 OTS C . -3.95 -16.74 -12.53
C5 OTS C . -3.25 -15.59 -10.43
C6 OTS C . -2.22 -15.23 -9.56
C1 OTS C . -0.93 -15.67 -9.79
C7 OTS C . 0.24 -15.30 -8.90
O7 OTS C . 0.11 -13.90 -8.62
C8 OTS C . 1.56 -15.18 -9.69
N8 OTS C . 2.58 -15.62 -8.75
PA FAD D . 10.88 -18.70 1.90
O1A FAD D . 11.31 -17.79 0.80
O2A FAD D . 10.47 -20.08 1.41
O5B FAD D . 11.97 -18.65 3.04
C5B FAD D . 12.27 -19.81 3.85
C4B FAD D . 13.76 -20.00 3.89
O4B FAD D . 14.12 -21.04 4.84
C3B FAD D . 14.40 -20.41 2.55
O3B FAD D . 15.54 -19.60 2.30
C2B FAD D . 14.77 -21.88 2.76
O2B FAD D . 15.91 -22.26 2.00
C1B FAD D . 15.10 -21.87 4.25
N9A FAD D . 15.04 -23.17 4.92
C8A FAD D . 14.20 -24.21 4.65
N7A FAD D . 14.37 -25.24 5.45
C5A FAD D . 15.39 -24.84 6.30
C6A FAD D . 16.03 -25.49 7.38
N6A FAD D . 15.73 -26.72 7.80
N1A FAD D . 17.01 -24.80 8.01
C2A FAD D . 17.31 -23.57 7.61
N3A FAD D . 16.77 -22.86 6.61
C4A FAD D . 15.80 -23.56 6.00
N1 FAD D . 5.21 -13.51 -4.85
C2 FAD D . 4.91 -12.29 -5.39
O2 FAD D . 4.70 -11.29 -4.70
N3 FAD D . 4.84 -12.17 -6.78
C4 FAD D . 5.05 -13.17 -7.70
O4 FAD D . 4.98 -12.93 -8.89
C4X FAD D . 5.35 -14.46 -7.09
N5 FAD D . 5.59 -15.45 -7.88
C5X FAD D . 5.90 -16.68 -7.30
C6 FAD D . 6.15 -17.77 -8.15
C7 FAD D . 6.47 -19.02 -7.62
C7M FAD D . 6.74 -20.17 -8.56
C8 FAD D . 6.54 -19.18 -6.23
C8M FAD D . 6.88 -20.53 -5.63
C9 FAD D . 6.29 -18.10 -5.39
C9A FAD D . 5.97 -16.85 -5.92
N10 FAD D . 5.76 -15.73 -5.10
C10 FAD D . 5.42 -14.52 -5.65
C1' FAD D . 5.70 -15.88 -3.63
C2' FAD D . 6.92 -15.39 -2.86
O2' FAD D . 8.13 -15.81 -3.47
C3' FAD D . 6.85 -16.00 -1.45
O3' FAD D . 5.54 -15.80 -0.94
C4' FAD D . 7.88 -15.47 -0.46
O4' FAD D . 9.12 -15.37 -1.15
C5' FAD D . 7.97 -16.41 0.73
O5' FAD D . 8.86 -15.86 1.72
P FAD D . 9.17 -16.64 3.06
O1P FAD D . 10.36 -15.90 3.69
O2P FAD D . 7.92 -16.69 3.84
O3P FAD D . 9.59 -18.11 2.62
C2 OTR E . -10.48 15.84 0.60
C3 OTR E . -11.41 16.26 -0.33
C4 OTR E . -12.69 16.64 0.07
O4 OTR E . -13.67 17.05 -0.90
C5 OTR E . -13.03 16.64 1.43
C6 OTR E . -12.09 16.22 2.35
C1 OTR E . -10.81 15.87 1.95
C7 OTR E . -9.80 15.36 3.00
O7 OTR E . -9.56 13.94 2.69
C8 OTR E . -8.35 15.85 2.99
N8 OTR E . -8.04 15.94 4.40
PA FAD F . 4.73 18.36 10.21
O1A FAD F . 3.75 17.43 10.82
O2A FAD F . 4.21 19.80 10.02
O5B FAD F . 6.12 18.29 11.08
C5B FAD F . 7.00 19.43 11.16
C4B FAD F . 7.42 19.63 12.59
O4B FAD F . 8.45 20.64 12.67
C3B FAD F . 6.31 20.07 13.55
O3B FAD F . 6.34 19.23 14.70
C2B FAD F . 6.64 21.54 13.83
O2B FAD F . 6.17 22.05 15.07
C1B FAD F . 8.17 21.48 13.78
N9A FAD F . 8.85 22.77 13.56
C8A FAD F . 8.45 23.83 12.78
N7A FAD F . 9.30 24.82 12.76
C5A FAD F . 10.35 24.36 13.55
C6A FAD F . 11.57 24.95 13.93
N6A FAD F . 11.96 26.16 13.51
N1A FAD F . 12.40 24.23 14.72
C2A FAD F . 12.01 23.01 15.11
N3A FAD F . 10.88 22.37 14.84
C4A FAD F . 10.09 23.10 14.04
N1 FAD F . -3.96 17.22 7.44
C2 FAD F . -4.93 18.11 7.80
O2 FAD F . -4.68 19.30 7.97
N3 FAD F . -6.23 17.67 7.97
C4 FAD F . -6.69 16.36 7.81
O4 FAD F . -7.89 16.05 7.98
C4X FAD F . -5.65 15.44 7.41
N5 FAD F . -5.98 14.20 7.25
C5X FAD F . -5.01 13.31 6.90
C6 FAD F . -5.34 11.96 6.72
C7 FAD F . -4.40 11.01 6.36
C7M FAD F . -4.83 9.58 6.17
C8 FAD F . -3.06 11.44 6.19
C8M FAD F . -1.94 10.53 5.77
C9 FAD F . -2.74 12.77 6.38
C9A FAD F . -3.68 13.71 6.71
N10 FAD F . -3.35 15.06 6.93
C10 FAD F . -4.31 15.96 7.27
C1' FAD F . -1.97 15.56 6.68
C2' FAD F . -0.91 15.02 7.64
O2' FAD F . -1.18 15.49 8.96
C3' FAD F . 0.45 15.54 7.19
O3' FAD F . 0.70 15.18 5.83
C4' FAD F . 1.64 15.14 8.05
O4' FAD F . 1.23 15.07 9.42
C5' FAD F . 2.77 16.14 7.87
O5' FAD F . 3.97 15.61 8.48
P FAD F . 5.37 16.32 8.28
O1P FAD F . 6.34 15.65 9.25
O2P FAD F . 5.61 16.31 6.83
O3P FAD F . 5.15 17.84 8.77
#